data_9DKS
#
_entry.id   9DKS
#
_cell.length_a   75.280
_cell.length_b   89.079
_cell.length_c   135.029
_cell.angle_alpha   90.000
_cell.angle_beta   90.000
_cell.angle_gamma   90.000
#
_symmetry.space_group_name_H-M   'P 21 21 21'
#
loop_
_entity.id
_entity.type
_entity.pdbx_description
1 polymer CcbD
2 polymer CcbZ
3 non-polymer 'MALONATE ION'
4 non-polymer "4'-PHOSPHOPANTETHEINE"
5 water water
#
loop_
_entity_poly.entity_id
_entity_poly.type
_entity_poly.pdbx_seq_one_letter_code
_entity_poly.pdbx_strand_id
1 'polypeptide(L)'
;GHMAQSKGSVDQTLHAPHSEVGCAANVARRVGVDLARQVIGAHWASRMLVREVGTFPQPLLDRTQVTFSAQGEGWPALLA
RMTGGEVTSRHVPREELLSTLHADRAEGGTLLFMEDRACPWLDSAHSPGMLPHVVVPDGVAPDGSWQLIEGHSWWRGRYA
MSEQDLLAASYPDPDPHHVAGRVLSLRIRPSAERAAQLDTLARQELAAGLRTYLAAECGETETPAGRIVWANGPQSVPLL
VERLRGWDYLCPLAARNDLSTEHARDVALGRYLFLALTDELAFAAYARAGTLRLVEGLGLAGAVGGLRPDEAWRLAWRSG
QKLYRRLDRQNLSALFSALEKAAEVDVEYARRLLKEL
;
B,A
2 'polypeptide(L)'
;MGSSHHHHHHSSGENLYFQGGSAAPAPSLLVDVLELLRPLLPSADTELTPDTELFSSQLLDSLALEEIQAAIESRWVPLP
PEELTLANFNTPAAIAETIARTST
;
C
#
loop_
_chem_comp.id
_chem_comp.type
_chem_comp.name
_chem_comp.formula
MLI non-polymer 'MALONATE ION' 'C3 H2 O4 -2'
PNS non-polymer 4'-PHOSPHOPANTETHEINE 'C11 H23 N2 O7 P S'
#
# COMPACT_ATOMS: atom_id res chain seq x y z
N ASP A 11 -30.30 -20.38 13.43
CA ASP A 11 -30.48 -18.90 13.61
C ASP A 11 -31.54 -18.42 12.61
N GLN A 12 -32.04 -17.20 12.75
CA GLN A 12 -32.99 -16.61 11.76
C GLN A 12 -32.20 -15.94 10.64
N THR A 13 -30.92 -15.63 10.85
CA THR A 13 -30.11 -14.88 9.86
C THR A 13 -28.97 -15.75 9.36
N LEU A 14 -28.62 -15.63 8.08
CA LEU A 14 -27.49 -16.38 7.48
C LEU A 14 -26.22 -15.61 7.75
N HIS A 15 -25.09 -16.29 7.76
CA HIS A 15 -23.83 -15.63 8.14
C HIS A 15 -22.68 -16.31 7.39
N ALA A 16 -21.56 -15.63 7.39
CA ALA A 16 -20.32 -16.13 6.74
C ALA A 16 -19.13 -15.48 7.39
N PRO A 17 -17.91 -15.99 7.10
CA PRO A 17 -16.70 -15.41 7.70
C PRO A 17 -16.24 -14.05 7.15
N HIS A 18 -16.79 -13.66 6.01
CA HIS A 18 -16.70 -12.29 5.49
C HIS A 18 -18.08 -11.64 5.60
N SER A 19 -18.13 -10.47 6.21
CA SER A 19 -19.39 -9.77 6.47
C SER A 19 -20.26 -9.68 5.21
N GLU A 20 -19.65 -9.21 4.11
CA GLU A 20 -20.44 -8.91 2.90
C GLU A 20 -21.01 -10.17 2.28
N VAL A 21 -20.32 -11.29 2.45
CA VAL A 21 -20.80 -12.59 1.97
C VAL A 21 -22.03 -13.03 2.78
N GLY A 22 -21.94 -12.94 4.10
CA GLY A 22 -23.09 -13.22 4.97
C GLY A 22 -24.26 -12.33 4.62
N CYS A 23 -23.99 -11.04 4.43
CA CYS A 23 -25.04 -10.07 4.03
C CYS A 23 -25.67 -10.51 2.70
N ALA A 24 -24.85 -10.79 1.70
CA ALA A 24 -25.34 -11.21 0.37
C ALA A 24 -26.20 -12.49 0.53
N ALA A 25 -25.81 -13.42 1.41
CA ALA A 25 -26.55 -14.69 1.60
C ALA A 25 -27.98 -14.37 2.08
N ASN A 26 -28.13 -13.42 2.99
CA ASN A 26 -29.48 -13.06 3.48
C ASN A 26 -30.31 -12.48 2.34
N VAL A 27 -29.74 -11.56 1.55
CA VAL A 27 -30.47 -10.95 0.43
C VAL A 27 -30.82 -12.01 -0.60
N ALA A 28 -29.91 -12.90 -0.93
CA ALA A 28 -30.14 -13.94 -1.92
C ALA A 28 -31.32 -14.79 -1.47
N ARG A 29 -31.38 -15.13 -0.17
CA ARG A 29 -32.44 -16.05 0.30
C ARG A 29 -33.80 -15.38 0.02
N ARG A 30 -33.87 -14.06 0.14
CA ARG A 30 -35.16 -13.34 -0.07
C ARG A 30 -35.74 -13.61 -1.46
N VAL A 31 -34.89 -13.90 -2.46
CA VAL A 31 -35.30 -14.03 -3.88
C VAL A 31 -35.12 -15.49 -4.30
N GLY A 32 -34.98 -16.40 -3.33
CA GLY A 32 -35.01 -17.84 -3.63
C GLY A 32 -33.69 -18.40 -4.11
N VAL A 33 -32.60 -17.72 -3.80
CA VAL A 33 -31.22 -18.17 -4.14
C VAL A 33 -30.50 -18.56 -2.86
N ASP A 34 -29.98 -19.77 -2.80
CA ASP A 34 -29.10 -20.23 -1.69
C ASP A 34 -27.67 -19.80 -2.07
N LEU A 35 -27.16 -18.71 -1.53
CA LEU A 35 -25.82 -18.21 -1.97
C LEU A 35 -24.73 -19.26 -1.72
N ALA A 36 -24.65 -19.79 -0.52
CA ALA A 36 -23.49 -20.62 -0.13
C ALA A 36 -23.48 -21.87 -1.01
N ARG A 37 -24.66 -22.41 -1.33
CA ARG A 37 -24.72 -23.65 -2.14
C ARG A 37 -24.63 -23.32 -3.63
N GLN A 38 -25.45 -22.39 -4.15
CA GLN A 38 -25.66 -22.27 -5.60
C GLN A 38 -24.71 -21.24 -6.24
N VAL A 39 -24.10 -20.37 -5.44
CA VAL A 39 -23.33 -19.23 -5.98
C VAL A 39 -21.88 -19.34 -5.48
N ILE A 40 -21.64 -19.27 -4.18
CA ILE A 40 -20.27 -19.50 -3.60
C ILE A 40 -19.86 -20.94 -3.91
N GLY A 41 -20.70 -21.93 -3.58
CA GLY A 41 -20.38 -23.36 -3.73
C GLY A 41 -20.20 -23.76 -5.20
N ALA A 42 -20.83 -23.03 -6.11
CA ALA A 42 -20.75 -23.26 -7.58
C ALA A 42 -19.46 -22.67 -8.14
N HIS A 43 -18.64 -22.00 -7.34
CA HIS A 43 -17.45 -21.30 -7.87
C HIS A 43 -16.19 -21.77 -7.14
N TRP A 44 -15.67 -22.92 -7.56
CA TRP A 44 -14.45 -23.57 -7.05
C TRP A 44 -13.25 -22.74 -7.50
N ALA A 45 -12.46 -22.23 -6.55
CA ALA A 45 -11.33 -21.36 -6.91
C ALA A 45 -10.22 -21.46 -5.86
N SER A 46 -9.00 -21.18 -6.29
CA SER A 46 -7.82 -21.19 -5.42
C SER A 46 -6.80 -20.26 -6.08
N ARG A 47 -6.45 -19.16 -5.41
CA ARG A 47 -5.57 -18.15 -6.02
C ARG A 47 -4.59 -17.66 -4.95
N MET A 48 -3.30 -17.59 -5.32
CA MET A 48 -2.30 -16.82 -4.58
C MET A 48 -2.23 -15.43 -5.17
N LEU A 49 -2.23 -14.40 -4.31
CA LEU A 49 -2.12 -12.98 -4.69
C LEU A 49 -0.95 -12.34 -3.95
N VAL A 50 -0.18 -11.57 -4.70
CA VAL A 50 0.95 -10.79 -4.15
C VAL A 50 0.88 -9.36 -4.67
N ARG A 51 1.22 -8.42 -3.80
CA ARG A 51 1.45 -7.02 -4.19
C ARG A 51 2.91 -6.71 -3.87
N GLU A 52 3.66 -6.36 -4.92
CA GLU A 52 5.12 -6.19 -4.82
C GLU A 52 5.56 -4.98 -5.65
N VAL A 53 6.84 -4.65 -5.57
CA VAL A 53 7.42 -3.58 -6.40
C VAL A 53 7.21 -3.88 -7.88
N GLY A 54 6.81 -2.87 -8.64
CA GLY A 54 6.85 -2.92 -10.11
C GLY A 54 7.37 -1.60 -10.66
N THR A 55 6.72 -1.09 -11.68
CA THR A 55 7.20 0.12 -12.39
C THR A 55 7.04 1.36 -11.51
N PHE A 56 8.08 2.14 -11.31
CA PHE A 56 8.00 3.43 -10.58
C PHE A 56 7.24 4.42 -11.43
N PRO A 57 6.50 5.35 -10.82
CA PRO A 57 6.26 5.36 -9.37
C PRO A 57 4.98 4.61 -9.00
N GLN A 58 4.92 4.20 -7.73
CA GLN A 58 3.75 3.46 -7.18
C GLN A 58 3.47 3.95 -5.76
N PRO A 59 2.93 5.19 -5.63
CA PRO A 59 2.85 5.86 -4.33
C PRO A 59 2.06 5.10 -3.25
N LEU A 60 1.13 4.24 -3.66
CA LEU A 60 0.31 3.45 -2.68
C LEU A 60 1.00 2.13 -2.34
N LEU A 61 2.16 1.79 -2.92
CA LEU A 61 2.85 0.56 -2.48
C LEU A 61 3.63 0.82 -1.20
N ASP A 62 3.07 0.38 -0.08
CA ASP A 62 3.61 0.70 1.27
C ASP A 62 4.42 -0.50 1.73
N ARG A 63 4.10 -1.68 1.24
N ARG A 63 4.11 -1.70 1.27
CA ARG A 63 4.73 -2.93 1.65
CA ARG A 63 4.80 -2.92 1.75
C ARG A 63 4.43 -4.05 0.66
C ARG A 63 4.39 -4.11 0.88
N THR A 64 5.34 -5.02 0.61
CA THR A 64 5.08 -6.29 -0.06
C THR A 64 4.04 -7.02 0.78
N GLN A 65 3.06 -7.62 0.10
CA GLN A 65 1.92 -8.26 0.79
C GLN A 65 1.58 -9.51 -0.01
N VAL A 66 1.26 -10.60 0.67
CA VAL A 66 0.86 -11.85 0.02
C VAL A 66 -0.41 -12.34 0.74
N THR A 67 -1.35 -12.86 -0.03
CA THR A 67 -2.56 -13.47 0.55
C THR A 67 -3.03 -14.59 -0.31
N PHE A 68 -4.18 -15.12 0.05
CA PHE A 68 -4.84 -16.21 -0.66
C PHE A 68 -6.29 -15.78 -0.89
N SER A 69 -6.91 -16.28 -1.94
CA SER A 69 -8.37 -16.21 -2.12
C SER A 69 -8.96 -17.49 -2.70
N ALA A 70 -10.08 -17.92 -2.12
CA ALA A 70 -10.96 -18.94 -2.72
C ALA A 70 -12.24 -18.28 -3.26
N GLN A 71 -12.24 -16.95 -3.39
CA GLN A 71 -13.45 -16.25 -3.90
C GLN A 71 -13.53 -16.23 -5.44
N GLY A 72 -12.40 -16.41 -6.15
CA GLY A 72 -12.38 -16.40 -7.61
C GLY A 72 -13.00 -15.12 -8.11
N GLU A 73 -13.94 -15.19 -9.04
CA GLU A 73 -14.55 -13.99 -9.66
C GLU A 73 -15.41 -13.24 -8.61
N GLY A 74 -15.81 -13.95 -7.57
CA GLY A 74 -16.57 -13.37 -6.44
C GLY A 74 -18.07 -13.41 -6.63
N TRP A 75 -18.76 -13.36 -5.50
CA TRP A 75 -20.24 -13.48 -5.53
C TRP A 75 -20.89 -12.35 -6.32
N PRO A 76 -20.44 -11.07 -6.32
CA PRO A 76 -21.16 -10.07 -7.10
C PRO A 76 -21.27 -10.45 -8.57
N ALA A 77 -20.19 -10.99 -9.12
CA ALA A 77 -20.18 -11.44 -10.52
C ALA A 77 -21.13 -12.63 -10.69
N LEU A 78 -20.96 -13.66 -9.87
CA LEU A 78 -21.76 -14.91 -10.04
C LEU A 78 -23.23 -14.62 -9.73
N LEU A 79 -23.51 -13.87 -8.66
CA LEU A 79 -24.93 -13.63 -8.27
C LEU A 79 -25.63 -12.86 -9.40
N ALA A 80 -24.99 -11.81 -9.93
CA ALA A 80 -25.61 -10.99 -10.99
C ALA A 80 -25.89 -11.85 -12.21
N ARG A 81 -24.96 -12.67 -12.67
CA ARG A 81 -25.19 -13.31 -13.99
C ARG A 81 -26.16 -14.46 -13.80
N MET A 82 -26.11 -15.14 -12.67
CA MET A 82 -27.02 -16.28 -12.43
C MET A 82 -28.46 -15.77 -12.31
N THR A 83 -28.70 -14.63 -11.67
CA THR A 83 -30.07 -14.11 -11.48
C THR A 83 -30.53 -13.29 -12.68
N GLY A 84 -29.62 -12.77 -13.51
CA GLY A 84 -29.94 -11.79 -14.54
C GLY A 84 -30.16 -10.43 -13.96
N GLY A 85 -29.76 -10.19 -12.72
CA GLY A 85 -29.93 -8.88 -12.08
C GLY A 85 -28.61 -8.15 -11.98
N GLU A 86 -28.49 -7.27 -11.02
CA GLU A 86 -27.32 -6.38 -10.90
C GLU A 86 -26.95 -6.30 -9.43
N VAL A 87 -25.67 -6.10 -9.19
CA VAL A 87 -25.06 -5.87 -7.85
C VAL A 87 -24.23 -4.62 -8.03
N THR A 88 -24.82 -3.47 -7.73
CA THR A 88 -24.31 -2.16 -8.20
C THR A 88 -24.03 -1.24 -7.02
N SER A 89 -22.82 -0.69 -6.98
CA SER A 89 -22.43 0.24 -5.90
C SER A 89 -22.80 1.65 -6.33
N ARG A 90 -23.31 2.47 -5.41
CA ARG A 90 -23.53 3.90 -5.64
C ARG A 90 -23.62 4.66 -4.33
N HIS A 91 -23.44 5.97 -4.44
CA HIS A 91 -23.65 6.91 -3.32
C HIS A 91 -24.98 7.61 -3.56
N VAL A 92 -25.81 7.70 -2.55
CA VAL A 92 -27.09 8.46 -2.64
C VAL A 92 -27.07 9.54 -1.59
N PRO A 93 -27.72 10.70 -1.85
CA PRO A 93 -27.78 11.75 -0.85
C PRO A 93 -28.70 11.32 0.29
N ARG A 94 -28.45 11.87 1.47
CA ARG A 94 -29.15 11.57 2.74
C ARG A 94 -30.67 11.60 2.52
N GLU A 95 -31.21 12.60 1.80
CA GLU A 95 -32.68 12.73 1.67
C GLU A 95 -33.26 11.65 0.75
N GLU A 96 -32.45 10.84 0.04
CA GLU A 96 -32.93 9.71 -0.79
C GLU A 96 -32.58 8.33 -0.22
N LEU A 97 -31.86 8.25 0.89
CA LEU A 97 -31.32 6.93 1.35
C LEU A 97 -32.50 6.00 1.69
N LEU A 98 -33.43 6.45 2.53
CA LEU A 98 -34.49 5.52 2.98
C LEU A 98 -35.30 5.09 1.76
N SER A 99 -35.64 5.99 0.83
CA SER A 99 -36.43 5.58 -0.35
C SER A 99 -35.62 4.59 -1.21
N THR A 100 -34.29 4.75 -1.29
CA THR A 100 -33.43 3.76 -2.01
C THR A 100 -33.53 2.39 -1.31
N LEU A 101 -33.48 2.35 0.03
CA LEU A 101 -33.57 1.07 0.80
C LEU A 101 -34.91 0.37 0.50
N HIS A 102 -36.01 1.14 0.44
CA HIS A 102 -37.33 0.52 0.15
C HIS A 102 -37.35 0.02 -1.31
N ALA A 103 -36.82 0.80 -2.27
CA ALA A 103 -36.83 0.42 -3.69
C ALA A 103 -36.02 -0.86 -3.90
N ASP A 104 -34.82 -0.92 -3.29
CA ASP A 104 -33.97 -2.11 -3.40
C ASP A 104 -34.68 -3.30 -2.79
N ARG A 105 -35.38 -3.12 -1.68
CA ARG A 105 -36.00 -4.25 -0.95
C ARG A 105 -37.01 -4.90 -1.88
N ALA A 106 -37.72 -4.12 -2.70
CA ALA A 106 -38.76 -4.64 -3.58
C ALA A 106 -38.14 -5.57 -4.63
N GLU A 107 -36.81 -5.52 -4.84
CA GLU A 107 -36.15 -6.37 -5.88
C GLU A 107 -34.96 -7.16 -5.29
N GLY A 108 -34.84 -7.32 -3.99
CA GLY A 108 -33.66 -7.97 -3.36
C GLY A 108 -33.29 -7.26 -2.10
N GLY A 109 -32.29 -6.40 -2.14
CA GLY A 109 -31.91 -5.71 -0.92
C GLY A 109 -30.66 -4.92 -1.11
N THR A 110 -30.12 -4.45 0.00
CA THR A 110 -29.04 -3.48 0.04
C THR A 110 -27.99 -3.95 1.04
N LEU A 111 -26.72 -3.81 0.66
CA LEU A 111 -25.60 -3.78 1.63
C LEU A 111 -25.34 -2.32 1.87
N LEU A 112 -25.59 -1.86 3.09
CA LEU A 112 -25.39 -0.48 3.48
C LEU A 112 -24.06 -0.40 4.20
N PHE A 113 -23.20 0.47 3.71
CA PHE A 113 -21.88 0.67 4.32
C PHE A 113 -22.01 1.51 5.59
N MET A 114 -21.19 1.20 6.60
CA MET A 114 -21.05 2.11 7.74
C MET A 114 -19.75 1.76 8.47
N GLU A 115 -19.27 2.71 9.24
CA GLU A 115 -18.06 2.47 10.03
C GLU A 115 -18.36 1.46 11.14
N ASP A 116 -17.39 0.63 11.48
CA ASP A 116 -17.44 -0.28 12.65
C ASP A 116 -17.94 0.47 13.88
N ARG A 117 -17.48 1.69 14.08
CA ARG A 117 -17.75 2.49 15.32
C ARG A 117 -19.22 2.92 15.35
N ALA A 118 -19.98 2.76 14.28
CA ALA A 118 -21.41 3.13 14.24
C ALA A 118 -22.29 1.94 14.62
N CYS A 119 -21.67 0.78 14.79
CA CYS A 119 -22.38 -0.49 15.04
C CYS A 119 -22.10 -0.84 16.49
N PRO A 120 -22.99 -0.52 17.46
CA PRO A 120 -22.67 -0.71 18.87
C PRO A 120 -22.27 -2.16 19.21
N TRP A 121 -22.85 -3.12 18.51
CA TRP A 121 -22.64 -4.57 18.76
C TRP A 121 -21.21 -4.99 18.42
N LEU A 122 -20.43 -4.16 17.71
CA LEU A 122 -19.03 -4.49 17.38
C LEU A 122 -18.08 -3.95 18.44
N ASP A 123 -18.57 -3.15 19.39
CA ASP A 123 -17.72 -2.59 20.48
C ASP A 123 -16.44 -1.96 19.90
N SER A 124 -16.55 -1.07 18.93
CA SER A 124 -15.37 -0.47 18.23
C SER A 124 -15.49 1.04 18.23
N ALA A 125 -15.85 1.68 19.36
CA ALA A 125 -16.10 3.14 19.45
C ALA A 125 -14.86 3.97 19.06
N HIS A 126 -13.66 3.48 19.37
CA HIS A 126 -12.45 4.33 19.33
C HIS A 126 -11.74 4.22 17.98
N SER A 127 -12.24 3.45 17.05
CA SER A 127 -11.58 3.34 15.72
C SER A 127 -12.63 3.09 14.65
N PRO A 128 -12.46 3.67 13.45
CA PRO A 128 -13.28 3.30 12.29
C PRO A 128 -12.81 2.00 11.63
N GLY A 129 -11.76 1.40 12.17
CA GLY A 129 -11.17 0.13 11.72
C GLY A 129 -10.44 0.32 10.41
N MET A 130 -9.85 -0.74 9.94
CA MET A 130 -8.99 -0.68 8.74
C MET A 130 -9.89 -0.52 7.51
N LEU A 131 -11.07 -1.10 7.54
CA LEU A 131 -12.02 -1.17 6.40
C LEU A 131 -13.42 -0.89 6.91
N PRO A 132 -14.29 -0.39 6.03
CA PRO A 132 -15.67 -0.17 6.42
C PRO A 132 -16.40 -1.50 6.59
N HIS A 133 -17.48 -1.42 7.30
CA HIS A 133 -18.40 -2.57 7.49
C HIS A 133 -19.60 -2.43 6.54
N VAL A 134 -20.37 -3.49 6.46
CA VAL A 134 -21.66 -3.49 5.75
C VAL A 134 -22.69 -4.21 6.62
N VAL A 135 -23.95 -3.82 6.45
CA VAL A 135 -25.12 -4.41 7.13
C VAL A 135 -26.26 -4.49 6.12
N VAL A 136 -27.25 -5.31 6.38
CA VAL A 136 -28.42 -5.40 5.47
C VAL A 136 -29.67 -4.87 6.18
N PRO A 137 -30.21 -3.73 5.72
CA PRO A 137 -31.50 -3.24 6.24
C PRO A 137 -32.58 -4.30 6.01
N ASP A 138 -33.39 -4.58 7.02
CA ASP A 138 -34.30 -5.75 7.03
C ASP A 138 -35.66 -5.36 7.62
N GLY A 139 -36.26 -4.35 7.03
CA GLY A 139 -37.53 -3.79 7.50
C GLY A 139 -37.37 -3.05 8.82
N VAL A 140 -38.49 -2.69 9.43
CA VAL A 140 -38.46 -1.92 10.69
C VAL A 140 -39.08 -2.77 11.78
N ALA A 141 -38.65 -2.50 12.98
CA ALA A 141 -39.22 -3.10 14.21
C ALA A 141 -40.51 -2.37 14.56
N PRO A 142 -41.29 -2.87 15.54
CA PRO A 142 -42.52 -2.18 15.96
C PRO A 142 -42.35 -0.74 16.41
N ASP A 143 -41.21 -0.42 17.03
CA ASP A 143 -40.94 0.98 17.44
C ASP A 143 -40.46 1.85 16.28
N GLY A 144 -40.33 1.32 15.06
CA GLY A 144 -39.90 2.09 13.89
C GLY A 144 -38.39 2.07 13.72
N SER A 145 -37.66 1.48 14.65
CA SER A 145 -36.20 1.28 14.47
C SER A 145 -36.00 0.40 13.22
N TRP A 146 -34.96 0.66 12.45
CA TRP A 146 -34.60 -0.25 11.35
C TRP A 146 -33.92 -1.49 11.93
N GLN A 147 -34.24 -2.63 11.37
CA GLN A 147 -33.55 -3.89 11.67
C GLN A 147 -32.34 -4.05 10.74
N LEU A 148 -31.16 -4.29 11.32
CA LEU A 148 -29.93 -4.40 10.49
C LEU A 148 -29.39 -5.81 10.68
N ILE A 149 -29.32 -6.56 9.60
CA ILE A 149 -28.70 -7.91 9.63
C ILE A 149 -27.19 -7.71 9.62
N GLU A 150 -26.56 -8.36 10.57
CA GLU A 150 -25.10 -8.53 10.67
C GLU A 150 -24.77 -9.86 10.00
N GLY A 151 -24.05 -9.83 8.89
CA GLY A 151 -23.72 -11.07 8.15
C GLY A 151 -22.50 -11.79 8.64
N HIS A 152 -21.66 -11.16 9.44
CA HIS A 152 -20.46 -11.84 9.96
C HIS A 152 -20.85 -12.86 11.02
N SER A 153 -20.41 -14.10 10.87
CA SER A 153 -20.69 -15.20 11.83
C SER A 153 -20.42 -14.79 13.29
N TRP A 154 -19.35 -14.05 13.56
CA TRP A 154 -18.93 -13.72 14.94
C TRP A 154 -19.96 -12.83 15.64
N TRP A 155 -20.73 -12.05 14.89
CA TRP A 155 -21.78 -11.17 15.49
C TRP A 155 -23.15 -11.45 14.89
N ARG A 156 -23.36 -12.66 14.36
CA ARG A 156 -24.56 -13.00 13.60
C ARG A 156 -25.83 -12.56 14.34
N GLY A 157 -26.75 -11.99 13.60
CA GLY A 157 -28.05 -11.61 14.17
C GLY A 157 -28.61 -10.40 13.48
N ARG A 158 -29.65 -9.86 14.09
CA ARG A 158 -30.38 -8.67 13.61
C ARG A 158 -30.34 -7.65 14.73
N TYR A 159 -29.97 -6.41 14.47
CA TYR A 159 -29.83 -5.34 15.49
C TYR A 159 -30.71 -4.13 15.08
N ALA A 160 -31.29 -3.46 16.06
CA ALA A 160 -32.20 -2.33 15.82
C ALA A 160 -31.37 -1.07 15.87
N MET A 161 -31.66 -0.17 14.96
CA MET A 161 -31.04 1.15 15.00
C MET A 161 -32.12 2.16 14.61
N SER A 162 -32.27 3.21 15.40
CA SER A 162 -33.26 4.27 15.11
C SER A 162 -32.99 4.86 13.73
N GLU A 163 -34.03 5.38 13.07
CA GLU A 163 -33.88 6.02 11.75
C GLU A 163 -32.84 7.14 11.90
N GLN A 164 -32.89 7.90 13.00
CA GLN A 164 -31.97 9.05 13.15
C GLN A 164 -30.53 8.53 13.16
N ASP A 165 -30.30 7.46 13.90
CA ASP A 165 -28.95 6.86 14.08
C ASP A 165 -28.49 6.25 12.75
N LEU A 166 -29.38 5.59 11.99
N LEU A 166 -29.40 5.58 12.04
CA LEU A 166 -29.00 4.95 10.70
CA LEU A 166 -29.07 4.96 10.73
C LEU A 166 -28.57 6.04 9.71
C LEU A 166 -28.57 6.05 9.78
N LEU A 167 -29.30 7.16 9.65
CA LEU A 167 -28.90 8.25 8.76
C LEU A 167 -27.55 8.85 9.23
N ALA A 168 -27.32 8.98 10.54
CA ALA A 168 -26.06 9.51 11.09
C ALA A 168 -24.91 8.54 10.73
N ALA A 169 -25.18 7.24 10.75
CA ALA A 169 -24.17 6.20 10.43
C ALA A 169 -23.83 6.17 8.94
N SER A 170 -24.81 6.40 8.08
CA SER A 170 -24.59 6.33 6.63
C SER A 170 -23.84 7.57 6.14
N TYR A 171 -23.85 8.66 6.91
CA TYR A 171 -23.24 9.95 6.49
C TYR A 171 -22.24 10.42 7.54
N PRO A 172 -21.19 9.64 7.83
CA PRO A 172 -20.22 10.01 8.86
C PRO A 172 -19.40 11.22 8.43
N ASP A 173 -18.96 11.97 9.43
CA ASP A 173 -18.04 13.12 9.22
C ASP A 173 -17.10 13.10 10.42
N PRO A 174 -15.78 12.85 10.22
CA PRO A 174 -15.23 12.66 8.88
C PRO A 174 -15.51 11.23 8.38
N ASP A 175 -15.01 10.90 7.20
CA ASP A 175 -15.42 9.71 6.43
C ASP A 175 -14.17 9.06 5.82
N PRO A 176 -13.25 8.50 6.63
CA PRO A 176 -12.00 7.95 6.12
C PRO A 176 -12.24 6.90 5.01
N HIS A 177 -13.27 6.06 5.16
CA HIS A 177 -13.47 4.91 4.22
C HIS A 177 -14.31 5.31 3.01
N HIS A 178 -14.79 6.55 2.92
CA HIS A 178 -15.74 7.01 1.87
C HIS A 178 -17.01 6.12 1.83
N VAL A 179 -17.69 6.01 2.97
CA VAL A 179 -18.92 5.19 3.09
C VAL A 179 -20.13 6.11 2.86
N ALA A 180 -19.96 7.45 2.88
CA ALA A 180 -21.09 8.39 2.90
C ALA A 180 -22.15 8.03 1.87
N GLY A 181 -23.34 7.64 2.34
CA GLY A 181 -24.48 7.29 1.50
C GLY A 181 -24.19 6.14 0.55
N ARG A 182 -23.17 5.34 0.85
N ARG A 182 -23.20 5.29 0.87
CA ARG A 182 -22.80 4.23 -0.04
CA ARG A 182 -22.74 4.23 -0.07
C ARG A 182 -23.70 3.01 0.17
C ARG A 182 -23.55 2.94 0.12
N VAL A 183 -24.27 2.54 -0.93
CA VAL A 183 -25.12 1.32 -0.91
C VAL A 183 -24.60 0.43 -2.03
N LEU A 184 -24.56 -0.85 -1.75
CA LEU A 184 -24.42 -1.87 -2.77
C LEU A 184 -25.82 -2.48 -2.96
N SER A 185 -26.45 -2.15 -4.06
CA SER A 185 -27.85 -2.50 -4.37
C SER A 185 -27.86 -3.86 -5.04
N LEU A 186 -28.53 -4.82 -4.42
CA LEU A 186 -28.64 -6.19 -4.97
C LEU A 186 -30.05 -6.25 -5.57
N ARG A 187 -30.17 -5.89 -6.85
CA ARG A 187 -31.48 -5.97 -7.55
C ARG A 187 -31.40 -7.27 -8.34
N ILE A 188 -31.74 -8.36 -7.66
CA ILE A 188 -31.30 -9.73 -8.00
C ILE A 188 -32.48 -10.71 -8.10
N ARG A 189 -33.72 -10.22 -8.06
CA ARG A 189 -34.87 -11.17 -8.12
C ARG A 189 -34.88 -11.79 -9.51
N PRO A 190 -34.70 -13.11 -9.67
CA PRO A 190 -34.74 -13.69 -10.99
C PRO A 190 -36.18 -13.69 -11.55
N SER A 191 -36.32 -13.58 -12.86
CA SER A 191 -37.62 -13.85 -13.53
C SER A 191 -38.03 -15.26 -13.15
N ALA A 192 -39.32 -15.61 -13.30
CA ALA A 192 -39.83 -16.97 -13.00
C ALA A 192 -39.04 -18.00 -13.81
N GLU A 193 -38.77 -17.69 -15.08
CA GLU A 193 -38.11 -18.62 -16.04
C GLU A 193 -36.69 -18.88 -15.53
N ARG A 194 -36.01 -17.82 -15.11
CA ARG A 194 -34.60 -17.93 -14.63
C ARG A 194 -34.56 -18.70 -13.30
N ALA A 195 -35.52 -18.45 -12.40
CA ALA A 195 -35.60 -19.15 -11.10
C ALA A 195 -35.58 -20.67 -11.31
N ALA A 196 -36.32 -21.16 -12.30
CA ALA A 196 -36.45 -22.61 -12.56
C ALA A 196 -35.13 -23.18 -13.09
N GLN A 197 -34.23 -22.32 -13.58
CA GLN A 197 -32.95 -22.75 -14.21
C GLN A 197 -31.79 -22.65 -13.22
N LEU A 198 -32.00 -22.25 -11.98
CA LEU A 198 -30.87 -21.93 -11.07
C LEU A 198 -29.97 -23.14 -10.85
N ASP A 199 -30.49 -24.34 -10.56
CA ASP A 199 -29.64 -25.51 -10.23
C ASP A 199 -28.91 -25.97 -11.51
N THR A 200 -29.50 -25.79 -12.67
CA THR A 200 -28.84 -26.02 -13.99
C THR A 200 -27.66 -25.04 -14.13
N LEU A 201 -27.89 -23.73 -13.92
CA LEU A 201 -26.83 -22.69 -14.00
C LEU A 201 -25.76 -22.97 -12.93
N ALA A 202 -26.13 -23.40 -11.74
CA ALA A 202 -25.17 -23.75 -10.66
C ALA A 202 -24.29 -24.91 -11.10
N ARG A 203 -24.86 -25.95 -11.73
CA ARG A 203 -24.07 -27.11 -12.19
C ARG A 203 -23.09 -26.68 -13.29
N GLN A 204 -23.53 -25.79 -14.19
CA GLN A 204 -22.69 -25.21 -15.26
C GLN A 204 -21.57 -24.40 -14.61
N GLU A 205 -21.90 -23.51 -13.68
CA GLU A 205 -20.86 -22.69 -12.99
C GLU A 205 -19.84 -23.60 -12.30
N LEU A 206 -20.28 -24.69 -11.68
CA LEU A 206 -19.42 -25.58 -10.88
C LEU A 206 -18.36 -26.17 -11.83
N ALA A 207 -18.80 -26.71 -12.98
CA ALA A 207 -17.88 -27.25 -14.01
C ALA A 207 -16.90 -26.17 -14.44
N ALA A 208 -17.42 -24.99 -14.75
CA ALA A 208 -16.64 -23.90 -15.34
C ALA A 208 -15.55 -23.42 -14.38
N GLY A 209 -15.85 -23.29 -13.08
CA GLY A 209 -14.77 -22.93 -12.14
C GLY A 209 -13.74 -24.05 -11.96
N LEU A 210 -14.14 -25.32 -11.95
CA LEU A 210 -13.18 -26.43 -11.79
C LEU A 210 -12.25 -26.42 -13.02
N ARG A 211 -12.77 -26.09 -14.21
CA ARG A 211 -11.96 -26.06 -15.44
C ARG A 211 -10.98 -24.90 -15.32
N THR A 212 -11.46 -23.75 -14.85
CA THR A 212 -10.60 -22.57 -14.62
C THR A 212 -9.47 -22.93 -13.64
N TYR A 213 -9.79 -23.56 -12.53
CA TYR A 213 -8.83 -24.00 -11.50
C TYR A 213 -7.77 -24.90 -12.16
N LEU A 214 -8.19 -25.92 -12.90
CA LEU A 214 -7.23 -26.86 -13.52
C LEU A 214 -6.41 -26.15 -14.61
N ALA A 215 -6.94 -25.14 -15.30
CA ALA A 215 -6.22 -24.35 -16.33
C ALA A 215 -5.07 -23.59 -15.67
N ALA A 216 -5.16 -23.28 -14.37
CA ALA A 216 -4.04 -22.78 -13.55
C ALA A 216 -3.36 -21.60 -14.23
N GLU A 217 -4.12 -20.66 -14.74
CA GLU A 217 -3.60 -19.41 -15.33
C GLU A 217 -2.93 -18.55 -14.26
N CYS A 218 -2.00 -17.71 -14.69
N CYS A 218 -2.02 -17.68 -14.68
CA CYS A 218 -1.35 -16.70 -13.82
CA CYS A 218 -1.37 -16.70 -13.78
C CYS A 218 -1.57 -15.33 -14.45
C CYS A 218 -1.31 -15.36 -14.51
N GLY A 219 -1.20 -14.26 -13.75
CA GLY A 219 -1.39 -12.92 -14.27
C GLY A 219 -0.61 -11.94 -13.43
N GLU A 220 -0.41 -10.76 -13.99
CA GLU A 220 0.35 -9.69 -13.33
C GLU A 220 -0.19 -8.39 -13.92
N THR A 221 -0.52 -7.41 -13.06
CA THR A 221 -0.90 -6.04 -13.46
C THR A 221 0.02 -5.08 -12.72
N GLU A 222 0.26 -3.91 -13.29
CA GLU A 222 1.00 -2.82 -12.65
C GLU A 222 -0.05 -1.79 -12.24
N THR A 223 -0.03 -1.34 -10.98
CA THR A 223 -1.03 -0.37 -10.44
C THR A 223 -0.28 0.67 -9.63
N PRO A 224 -0.90 1.82 -9.31
CA PRO A 224 -0.29 2.75 -8.40
C PRO A 224 -0.04 2.19 -7.00
N ALA A 225 -0.61 1.02 -6.67
CA ALA A 225 -0.45 0.38 -5.35
C ALA A 225 0.55 -0.77 -5.45
N GLY A 226 1.25 -0.88 -6.57
CA GLY A 226 2.17 -2.03 -6.73
C GLY A 226 1.87 -2.89 -7.94
N ARG A 227 2.80 -3.79 -8.24
CA ARG A 227 2.57 -4.91 -9.19
C ARG A 227 1.75 -5.94 -8.44
N ILE A 228 0.63 -6.34 -9.03
CA ILE A 228 -0.23 -7.38 -8.44
C ILE A 228 -0.05 -8.64 -9.24
N VAL A 229 0.50 -9.66 -8.62
CA VAL A 229 0.76 -10.98 -9.24
C VAL A 229 -0.27 -11.95 -8.70
N TRP A 230 -0.81 -12.79 -9.56
CA TRP A 230 -1.69 -13.87 -9.10
C TRP A 230 -1.41 -15.18 -9.81
N ALA A 231 -1.76 -16.27 -9.14
CA ALA A 231 -1.65 -17.62 -9.68
C ALA A 231 -2.85 -18.44 -9.22
N ASN A 232 -3.54 -19.04 -10.19
CA ASN A 232 -4.70 -19.93 -9.95
C ASN A 232 -4.26 -21.39 -9.88
N GLY A 233 -5.06 -22.21 -9.21
CA GLY A 233 -5.01 -23.64 -9.49
C GLY A 233 -4.22 -24.42 -8.47
N PRO A 234 -3.89 -25.68 -8.81
CA PRO A 234 -3.17 -26.56 -7.89
C PRO A 234 -1.86 -26.02 -7.31
N GLN A 235 -1.21 -25.15 -8.10
N GLN A 235 -1.13 -25.17 -8.03
CA GLN A 235 0.08 -24.44 -7.84
CA GLN A 235 0.15 -24.61 -7.52
C GLN A 235 -0.12 -23.36 -6.77
C GLN A 235 -0.08 -23.23 -6.88
N SER A 236 -1.33 -22.83 -6.64
CA SER A 236 -1.57 -21.62 -5.84
C SER A 236 -1.09 -21.79 -4.38
N VAL A 237 -1.44 -22.89 -3.69
CA VAL A 237 -1.07 -23.00 -2.26
C VAL A 237 0.43 -23.26 -2.15
N PRO A 238 1.02 -24.15 -2.96
CA PRO A 238 2.48 -24.34 -2.91
C PRO A 238 3.28 -23.03 -3.16
N LEU A 239 2.87 -22.21 -4.14
CA LEU A 239 3.50 -20.89 -4.37
C LEU A 239 3.32 -19.99 -3.12
N LEU A 240 2.13 -20.01 -2.53
CA LEU A 240 1.82 -19.16 -1.35
C LEU A 240 2.76 -19.56 -0.24
N VAL A 241 2.88 -20.87 0.03
CA VAL A 241 3.70 -21.34 1.17
C VAL A 241 5.16 -20.91 0.92
N GLU A 242 5.62 -21.09 -0.31
CA GLU A 242 7.02 -20.72 -0.68
C GLU A 242 7.20 -19.23 -0.45
N ARG A 243 6.21 -18.42 -0.82
CA ARG A 243 6.33 -16.96 -0.62
C ARG A 243 6.26 -16.59 0.87
N LEU A 244 5.35 -17.17 1.65
CA LEU A 244 5.19 -16.84 3.08
C LEU A 244 6.44 -17.19 3.90
N ARG A 245 7.28 -18.11 3.41
CA ARG A 245 8.57 -18.41 4.07
C ARG A 245 9.40 -17.12 4.24
N GLY A 246 9.21 -16.13 3.35
CA GLY A 246 9.91 -14.84 3.43
C GLY A 246 9.59 -14.05 4.69
N TRP A 247 8.54 -14.43 5.40
CA TRP A 247 8.16 -13.72 6.64
C TRP A 247 8.62 -14.51 7.85
N ASP A 248 9.49 -15.52 7.68
CA ASP A 248 10.06 -16.29 8.83
C ASP A 248 10.78 -15.33 9.78
N TYR A 249 11.23 -14.17 9.32
CA TYR A 249 11.98 -13.18 10.14
C TYR A 249 11.13 -12.62 11.28
N LEU A 250 9.80 -12.70 11.15
CA LEU A 250 8.89 -12.19 12.20
C LEU A 250 9.12 -12.95 13.51
N CYS A 251 9.45 -14.22 13.43
CA CYS A 251 9.44 -15.09 14.63
C CYS A 251 10.53 -14.62 15.61
N PRO A 252 11.82 -14.56 15.21
CA PRO A 252 12.84 -14.03 16.11
C PRO A 252 12.57 -12.59 16.52
N LEU A 253 11.98 -11.78 15.64
CA LEU A 253 11.73 -10.35 15.93
C LEU A 253 10.66 -10.20 17.01
N ALA A 254 9.56 -10.94 16.91
CA ALA A 254 8.43 -10.83 17.86
C ALA A 254 8.85 -11.46 19.20
N ALA A 255 9.84 -12.36 19.19
CA ALA A 255 10.44 -12.98 20.39
C ALA A 255 11.24 -11.94 21.22
N ARG A 256 11.91 -10.98 20.57
CA ARG A 256 12.71 -9.92 21.28
C ARG A 256 11.76 -8.99 22.05
N ASN A 257 12.24 -8.43 23.18
CA ASN A 257 11.41 -7.76 24.22
C ASN A 257 11.41 -6.24 24.09
N ASP A 258 12.46 -5.65 23.50
CA ASP A 258 12.61 -4.17 23.41
C ASP A 258 12.65 -3.78 21.94
N LEU A 259 11.47 -3.49 21.37
CA LEU A 259 11.30 -3.24 19.93
C LEU A 259 11.23 -1.73 19.69
N SER A 260 12.00 -1.23 18.72
CA SER A 260 11.86 0.15 18.19
C SER A 260 10.45 0.32 17.64
N THR A 261 10.02 1.56 17.43
CA THR A 261 8.71 1.85 16.78
C THR A 261 8.71 1.10 15.44
N GLU A 262 9.86 1.10 14.77
CA GLU A 262 10.11 0.49 13.45
C GLU A 262 9.87 -1.03 13.52
N HIS A 263 10.52 -1.71 14.45
CA HIS A 263 10.51 -3.20 14.54
C HIS A 263 9.13 -3.61 15.04
N ALA A 264 8.51 -2.81 15.92
CA ALA A 264 7.12 -3.03 16.39
C ALA A 264 6.18 -2.96 15.19
N ARG A 265 6.37 -1.95 14.33
CA ARG A 265 5.57 -1.78 13.11
C ARG A 265 5.73 -3.06 12.27
N ASP A 266 6.96 -3.48 11.99
CA ASP A 266 7.22 -4.68 11.14
C ASP A 266 6.48 -5.87 11.69
N VAL A 267 6.61 -6.15 12.99
CA VAL A 267 5.83 -7.24 13.62
C VAL A 267 4.33 -7.00 13.44
N ALA A 268 3.81 -5.83 13.76
CA ALA A 268 2.35 -5.58 13.69
C ALA A 268 1.85 -5.86 12.28
N LEU A 269 2.59 -5.35 11.27
CA LEU A 269 2.13 -5.46 9.87
C LEU A 269 2.24 -6.91 9.44
N GLY A 270 3.30 -7.61 9.86
CA GLY A 270 3.45 -9.02 9.51
C GLY A 270 2.36 -9.86 10.14
N ARG A 271 2.05 -9.60 11.41
CA ARG A 271 1.00 -10.36 12.09
C ARG A 271 -0.31 -10.08 11.35
N TYR A 272 -0.53 -8.85 10.91
CA TYR A 272 -1.78 -8.50 10.18
C TYR A 272 -1.86 -9.25 8.83
N LEU A 273 -0.73 -9.46 8.17
CA LEU A 273 -0.68 -10.28 6.93
C LEU A 273 -1.26 -11.64 7.25
N PHE A 274 -0.80 -12.24 8.36
CA PHE A 274 -1.29 -13.59 8.72
C PHE A 274 -2.76 -13.54 9.17
N LEU A 275 -3.22 -12.43 9.76
CA LEU A 275 -4.64 -12.34 10.17
C LEU A 275 -5.53 -12.31 8.93
N ALA A 276 -5.17 -11.48 7.92
CA ALA A 276 -5.94 -11.37 6.67
C ALA A 276 -5.95 -12.72 5.95
N LEU A 277 -4.79 -13.38 5.92
CA LEU A 277 -4.71 -14.70 5.30
C LEU A 277 -5.63 -15.67 6.03
N THR A 278 -5.57 -15.68 7.36
CA THR A 278 -6.42 -16.59 8.18
C THR A 278 -7.91 -16.37 7.83
N ASP A 279 -8.34 -15.12 7.67
CA ASP A 279 -9.75 -14.81 7.33
C ASP A 279 -10.10 -15.45 5.97
N GLU A 280 -9.19 -15.46 4.98
CA GLU A 280 -9.41 -16.09 3.67
C GLU A 280 -9.41 -17.61 3.79
N LEU A 281 -8.69 -18.16 4.78
CA LEU A 281 -8.77 -19.63 5.04
C LEU A 281 -10.15 -19.97 5.56
N ALA A 282 -10.74 -19.11 6.40
CA ALA A 282 -12.12 -19.34 6.89
C ALA A 282 -13.07 -19.31 5.70
N PHE A 283 -12.91 -18.36 4.78
CA PHE A 283 -13.78 -18.30 3.58
C PHE A 283 -13.60 -19.57 2.76
N ALA A 284 -12.37 -20.05 2.57
CA ALA A 284 -12.17 -21.28 1.79
C ALA A 284 -12.97 -22.43 2.40
N ALA A 285 -12.86 -22.62 3.71
CA ALA A 285 -13.61 -23.67 4.45
C ALA A 285 -15.12 -23.51 4.20
N TYR A 286 -15.65 -22.30 4.32
CA TYR A 286 -17.05 -21.97 4.04
C TYR A 286 -17.43 -22.35 2.61
N ALA A 287 -16.62 -21.94 1.64
CA ALA A 287 -16.88 -22.11 0.19
C ALA A 287 -16.87 -23.61 -0.12
N ARG A 288 -15.87 -24.33 0.39
CA ARG A 288 -15.78 -25.79 0.14
C ARG A 288 -17.01 -26.50 0.73
N ALA A 289 -17.41 -26.15 1.94
CA ALA A 289 -18.63 -26.71 2.53
C ALA A 289 -19.82 -26.48 1.57
N GLY A 290 -19.91 -25.29 0.98
CA GLY A 290 -20.97 -24.94 0.05
C GLY A 290 -20.90 -25.84 -1.16
N THR A 291 -19.69 -26.09 -1.66
CA THR A 291 -19.52 -26.97 -2.84
C THR A 291 -20.01 -28.36 -2.44
N LEU A 292 -19.64 -28.86 -1.28
CA LEU A 292 -20.09 -30.20 -0.82
C LEU A 292 -21.62 -30.24 -0.74
N ARG A 293 -22.25 -29.19 -0.27
CA ARG A 293 -23.75 -29.12 -0.26
C ARG A 293 -24.30 -29.15 -1.70
N LEU A 294 -23.72 -28.40 -2.61
CA LEU A 294 -24.16 -28.33 -4.01
C LEU A 294 -24.05 -29.74 -4.61
N VAL A 295 -22.90 -30.38 -4.38
CA VAL A 295 -22.62 -31.75 -4.93
C VAL A 295 -23.62 -32.74 -4.35
N GLU A 296 -23.91 -32.66 -3.06
CA GLU A 296 -24.88 -33.56 -2.34
C GLU A 296 -26.24 -33.41 -3.03
N GLY A 297 -26.70 -32.18 -3.22
CA GLY A 297 -28.03 -31.89 -3.78
C GLY A 297 -28.14 -32.28 -5.25
N LEU A 298 -27.04 -32.27 -6.02
CA LEU A 298 -27.01 -32.72 -7.43
C LEU A 298 -27.02 -34.26 -7.51
N GLY A 299 -26.99 -34.94 -6.37
CA GLY A 299 -26.98 -36.41 -6.22
C GLY A 299 -25.63 -37.01 -6.54
N LEU A 300 -24.53 -36.25 -6.38
CA LEU A 300 -23.20 -36.72 -6.88
C LEU A 300 -22.29 -37.12 -5.75
N ALA A 301 -22.69 -36.97 -4.48
CA ALA A 301 -21.78 -37.19 -3.32
C ALA A 301 -21.28 -38.64 -3.31
N GLY A 302 -22.14 -39.60 -3.64
CA GLY A 302 -21.81 -41.05 -3.66
C GLY A 302 -20.74 -41.36 -4.70
N ALA A 303 -20.88 -40.84 -5.91
CA ALA A 303 -19.91 -41.01 -7.02
C ALA A 303 -18.60 -40.30 -6.69
N VAL A 304 -18.66 -39.11 -6.09
CA VAL A 304 -17.44 -38.28 -5.90
C VAL A 304 -16.59 -38.83 -4.76
N GLY A 305 -17.23 -39.30 -3.68
CA GLY A 305 -16.57 -39.91 -2.51
C GLY A 305 -16.53 -38.99 -1.30
N GLY A 306 -15.81 -39.42 -0.24
CA GLY A 306 -15.89 -38.83 1.11
C GLY A 306 -14.82 -37.81 1.45
N LEU A 307 -14.08 -37.28 0.47
CA LEU A 307 -13.04 -36.25 0.76
C LEU A 307 -13.69 -34.99 1.37
N ARG A 308 -12.97 -34.31 2.26
CA ARG A 308 -13.49 -33.15 3.03
C ARG A 308 -12.51 -31.99 2.91
N PRO A 309 -12.51 -31.28 1.77
CA PRO A 309 -11.67 -30.10 1.64
C PRO A 309 -12.12 -29.01 2.61
N ASP A 310 -13.41 -28.98 2.95
CA ASP A 310 -13.87 -28.02 4.00
C ASP A 310 -13.08 -28.24 5.29
N GLU A 311 -12.95 -29.47 5.75
CA GLU A 311 -12.24 -29.78 7.02
C GLU A 311 -10.77 -29.38 6.88
N ALA A 312 -10.17 -29.64 5.73
CA ALA A 312 -8.73 -29.36 5.53
C ALA A 312 -8.49 -27.86 5.66
N TRP A 313 -9.35 -27.04 5.03
CA TRP A 313 -9.26 -25.55 5.17
C TRP A 313 -9.61 -25.09 6.58
N ARG A 314 -10.56 -25.73 7.27
CA ARG A 314 -10.83 -25.38 8.68
C ARG A 314 -9.58 -25.59 9.54
N LEU A 315 -8.87 -26.71 9.38
CA LEU A 315 -7.62 -26.97 10.14
C LEU A 315 -6.54 -25.94 9.78
N ALA A 316 -6.47 -25.51 8.53
CA ALA A 316 -5.57 -24.40 8.14
C ALA A 316 -5.97 -23.12 8.85
N TRP A 317 -7.27 -22.83 8.92
CA TRP A 317 -7.77 -21.64 9.67
C TRP A 317 -7.31 -21.71 11.14
N ARG A 318 -7.51 -22.84 11.83
CA ARG A 318 -7.08 -22.95 13.24
C ARG A 318 -5.58 -22.66 13.35
N SER A 319 -4.76 -23.19 12.43
CA SER A 319 -3.30 -22.98 12.43
C SER A 319 -3.00 -21.49 12.28
N GLY A 320 -3.75 -20.83 11.40
CA GLY A 320 -3.54 -19.37 11.21
C GLY A 320 -3.86 -18.62 12.46
N GLN A 321 -4.95 -18.93 13.15
CA GLN A 321 -5.31 -18.22 14.40
C GLN A 321 -4.21 -18.47 15.44
N LYS A 322 -3.69 -19.70 15.49
CA LYS A 322 -2.64 -20.05 16.48
C LYS A 322 -1.40 -19.20 16.20
N LEU A 323 -1.02 -19.09 14.95
CA LEU A 323 0.14 -18.25 14.56
C LEU A 323 -0.10 -16.78 14.88
N TYR A 324 -1.30 -16.29 14.60
CA TYR A 324 -1.65 -14.88 14.89
C TYR A 324 -1.45 -14.57 16.38
N ARG A 325 -1.84 -15.51 17.24
CA ARG A 325 -1.67 -15.33 18.69
C ARG A 325 -0.21 -15.46 19.11
N ARG A 326 0.58 -16.31 18.45
CA ARG A 326 2.01 -16.52 18.83
C ARG A 326 2.84 -16.79 17.58
N LEU A 327 3.55 -15.75 17.15
CA LEU A 327 4.41 -15.77 15.94
C LEU A 327 5.69 -16.54 16.27
N ASP A 328 5.66 -17.84 16.09
CA ASP A 328 6.86 -18.69 16.40
C ASP A 328 7.06 -19.68 15.26
N ARG A 329 8.30 -20.13 15.09
CA ARG A 329 8.67 -20.96 13.93
C ARG A 329 7.81 -22.22 13.91
N GLN A 330 7.48 -22.82 15.06
CA GLN A 330 6.68 -24.07 15.07
C GLN A 330 5.26 -23.77 14.58
N ASN A 331 4.70 -22.63 14.97
CA ASN A 331 3.31 -22.29 14.52
C ASN A 331 3.32 -21.97 13.02
N LEU A 332 4.41 -21.37 12.54
CA LEU A 332 4.55 -21.03 11.11
C LEU A 332 4.63 -22.33 10.32
N SER A 333 5.50 -23.27 10.76
CA SER A 333 5.64 -24.55 10.04
C SER A 333 4.31 -25.30 10.05
N ALA A 334 3.55 -25.22 11.16
CA ALA A 334 2.25 -25.93 11.28
C ALA A 334 1.24 -25.32 10.30
N LEU A 335 1.28 -24.01 10.10
CA LEU A 335 0.40 -23.35 9.10
C LEU A 335 0.78 -23.86 7.72
N PHE A 336 2.06 -23.92 7.40
CA PHE A 336 2.50 -24.42 6.08
C PHE A 336 2.02 -25.87 5.89
N SER A 337 2.18 -26.76 6.88
CA SER A 337 1.74 -28.18 6.76
C SER A 337 0.23 -28.24 6.49
N ALA A 338 -0.54 -27.49 7.26
CA ALA A 338 -2.00 -27.42 7.12
C ALA A 338 -2.41 -26.95 5.72
N LEU A 339 -1.73 -25.92 5.19
CA LEU A 339 -2.04 -25.38 3.85
C LEU A 339 -1.67 -26.43 2.80
N GLU A 340 -0.53 -27.09 2.97
CA GLU A 340 -0.14 -28.14 1.98
C GLU A 340 -1.16 -29.27 1.99
N LYS A 341 -1.65 -29.66 3.17
CA LYS A 341 -2.66 -30.74 3.24
C LYS A 341 -3.96 -30.28 2.56
N ALA A 342 -4.38 -29.03 2.80
CA ALA A 342 -5.60 -28.49 2.15
C ALA A 342 -5.44 -28.52 0.63
N ALA A 343 -4.28 -28.11 0.12
CA ALA A 343 -3.96 -28.10 -1.33
C ALA A 343 -4.10 -29.52 -1.93
N GLU A 344 -3.59 -30.54 -1.22
CA GLU A 344 -3.62 -31.96 -1.70
C GLU A 344 -5.07 -32.48 -1.75
N VAL A 345 -5.85 -32.23 -0.69
CA VAL A 345 -7.29 -32.63 -0.68
C VAL A 345 -8.01 -31.89 -1.81
N ASP A 346 -7.73 -30.58 -1.97
CA ASP A 346 -8.42 -29.77 -3.01
C ASP A 346 -8.17 -30.39 -4.39
N VAL A 347 -6.92 -30.67 -4.74
CA VAL A 347 -6.66 -31.14 -6.14
C VAL A 347 -7.27 -32.55 -6.33
N GLU A 348 -7.25 -33.42 -5.32
CA GLU A 348 -7.84 -34.80 -5.46
C GLU A 348 -9.36 -34.66 -5.58
N TYR A 349 -9.97 -33.85 -4.73
CA TYR A 349 -11.44 -33.59 -4.79
C TYR A 349 -11.82 -32.99 -6.15
N ALA A 350 -11.14 -31.95 -6.60
CA ALA A 350 -11.46 -31.23 -7.84
C ALA A 350 -11.46 -32.22 -9.01
N ARG A 351 -10.47 -33.10 -9.06
CA ARG A 351 -10.33 -34.09 -10.17
C ARG A 351 -11.47 -35.10 -10.07
N ARG A 352 -11.77 -35.64 -8.88
CA ARG A 352 -12.86 -36.65 -8.75
C ARG A 352 -14.20 -36.03 -9.10
N LEU A 353 -14.45 -34.77 -8.71
CA LEU A 353 -15.76 -34.12 -8.95
C LEU A 353 -15.91 -33.83 -10.44
N LEU A 354 -14.87 -33.29 -11.07
CA LEU A 354 -15.01 -32.84 -12.48
C LEU A 354 -15.29 -34.07 -13.35
N LYS A 355 -14.78 -35.24 -12.96
CA LYS A 355 -15.02 -36.52 -13.71
C LYS A 355 -16.50 -36.91 -13.70
N GLU A 356 -17.24 -36.57 -12.64
CA GLU A 356 -18.66 -36.96 -12.45
C GLU A 356 -19.63 -35.92 -13.00
N LEU A 357 -19.16 -34.77 -13.54
CA LEU A 357 -20.03 -33.62 -13.94
C LEU A 357 -20.42 -33.71 -15.42
N GLN B 12 30.75 14.08 -5.48
CA GLN B 12 29.65 13.94 -4.46
C GLN B 12 28.53 13.04 -5.04
N THR B 13 28.14 12.01 -4.30
CA THR B 13 27.01 11.10 -4.68
C THR B 13 25.74 11.94 -4.71
N LEU B 14 24.90 11.80 -5.73
CA LEU B 14 23.59 12.51 -5.71
C LEU B 14 22.59 11.65 -4.93
N HIS B 15 21.55 12.30 -4.45
CA HIS B 15 20.58 11.60 -3.59
C HIS B 15 19.25 12.33 -3.63
N ALA B 16 18.27 11.68 -3.05
CA ALA B 16 16.90 12.18 -3.03
C ALA B 16 16.11 11.52 -1.90
N PRO B 17 14.91 12.02 -1.62
CA PRO B 17 14.08 11.44 -0.55
C PRO B 17 13.57 10.03 -0.85
N HIS B 18 13.51 9.67 -2.13
CA HIS B 18 13.19 8.29 -2.55
C HIS B 18 14.49 7.67 -3.10
N SER B 19 14.84 6.49 -2.62
CA SER B 19 16.10 5.80 -2.97
C SER B 19 16.23 5.71 -4.50
N GLU B 20 15.16 5.28 -5.19
CA GLU B 20 15.32 4.99 -6.63
C GLU B 20 15.56 6.29 -7.41
N VAL B 21 15.01 7.40 -6.93
CA VAL B 21 15.20 8.71 -7.59
C VAL B 21 16.65 9.14 -7.43
N GLY B 22 17.19 9.04 -6.23
CA GLY B 22 18.61 9.28 -5.97
C GLY B 22 19.48 8.43 -6.87
N CYS B 23 19.14 7.16 -6.97
CA CYS B 23 19.92 6.22 -7.83
C CYS B 23 19.86 6.67 -9.27
N ALA B 24 18.67 6.95 -9.77
CA ALA B 24 18.47 7.44 -11.16
C ALA B 24 19.26 8.74 -11.38
N ALA B 25 19.35 9.63 -10.41
CA ALA B 25 20.08 10.92 -10.58
C ALA B 25 21.58 10.65 -10.83
N ASN B 26 22.13 9.68 -10.12
CA ASN B 26 23.55 9.27 -10.31
C ASN B 26 23.71 8.73 -11.71
N VAL B 27 22.82 7.85 -12.15
CA VAL B 27 22.98 7.25 -13.50
C VAL B 27 22.80 8.34 -14.54
N ALA B 28 21.87 9.27 -14.32
CA ALA B 28 21.57 10.32 -15.31
C ALA B 28 22.81 11.19 -15.46
N ARG B 29 23.51 11.45 -14.38
CA ARG B 29 24.72 12.35 -14.46
C ARG B 29 25.78 11.71 -15.36
N ARG B 30 25.87 10.39 -15.39
CA ARG B 30 26.88 9.70 -16.21
C ARG B 30 26.72 10.07 -17.67
N VAL B 31 25.48 10.31 -18.13
CA VAL B 31 25.19 10.57 -19.54
C VAL B 31 24.83 12.04 -19.75
N GLY B 32 25.19 12.91 -18.81
CA GLY B 32 25.11 14.38 -19.02
C GLY B 32 23.71 14.94 -18.77
N VAL B 33 22.88 14.24 -17.99
CA VAL B 33 21.47 14.67 -17.70
C VAL B 33 21.39 15.00 -16.22
N ASP B 34 20.86 16.18 -15.90
CA ASP B 34 20.63 16.62 -14.51
C ASP B 34 19.21 16.21 -14.11
N LEU B 35 19.08 15.04 -13.48
CA LEU B 35 17.73 14.47 -13.30
C LEU B 35 16.86 15.40 -12.46
N ALA B 36 17.36 15.91 -11.34
CA ALA B 36 16.53 16.72 -10.43
C ALA B 36 16.00 17.98 -11.12
N ARG B 37 16.83 18.59 -11.99
CA ARG B 37 16.46 19.86 -12.64
C ARG B 37 15.69 19.59 -13.93
N GLN B 38 16.21 18.73 -14.83
CA GLN B 38 15.72 18.64 -16.24
C GLN B 38 14.63 17.58 -16.39
N VAL B 39 14.48 16.69 -15.43
CA VAL B 39 13.51 15.56 -15.56
C VAL B 39 12.45 15.66 -14.47
N ILE B 40 12.88 15.55 -13.22
CA ILE B 40 11.98 15.74 -12.05
C ILE B 40 11.45 17.17 -12.04
N GLY B 41 12.36 18.14 -12.09
CA GLY B 41 11.99 19.57 -11.98
C GLY B 41 11.19 20.06 -13.19
N ALA B 42 11.27 19.36 -14.32
CA ALA B 42 10.53 19.68 -15.55
C ALA B 42 9.11 19.10 -15.49
N HIS B 43 8.79 18.30 -14.48
CA HIS B 43 7.48 17.60 -14.41
C HIS B 43 6.75 18.05 -13.16
N TRP B 44 6.10 19.20 -13.29
CA TRP B 44 5.24 19.79 -12.25
C TRP B 44 3.99 18.92 -12.06
N ALA B 45 3.78 18.44 -10.84
CA ALA B 45 2.67 17.52 -10.56
C ALA B 45 2.20 17.61 -9.10
N SER B 46 0.92 17.27 -8.91
CA SER B 46 0.27 17.26 -7.59
C SER B 46 -0.93 16.33 -7.68
N ARG B 47 -0.87 15.22 -6.94
CA ARG B 47 -1.89 14.18 -7.04
C ARG B 47 -2.21 13.61 -5.66
N MET B 48 -3.49 13.51 -5.35
CA MET B 48 -4.01 12.70 -4.23
C MET B 48 -4.31 11.30 -4.75
N LEU B 49 -3.89 10.30 -4.02
CA LEU B 49 -4.16 8.90 -4.34
C LEU B 49 -4.86 8.26 -3.15
N VAL B 50 -5.84 7.44 -3.43
CA VAL B 50 -6.62 6.72 -2.39
C VAL B 50 -6.75 5.28 -2.82
N ARG B 51 -6.67 4.36 -1.87
CA ARG B 51 -7.02 2.95 -2.11
C ARG B 51 -8.17 2.65 -1.14
N GLU B 52 -9.30 2.18 -1.63
CA GLU B 52 -10.50 2.05 -0.79
C GLU B 52 -11.33 0.88 -1.29
N VAL B 53 -12.40 0.58 -0.58
CA VAL B 53 -13.29 -0.52 -0.98
C VAL B 53 -13.93 -0.21 -2.33
N GLY B 54 -13.80 -1.14 -3.26
CA GLY B 54 -14.50 -1.08 -4.53
C GLY B 54 -15.34 -2.31 -4.70
N THR B 55 -15.30 -2.91 -5.86
CA THR B 55 -16.06 -4.14 -6.16
C THR B 55 -15.48 -5.36 -5.43
N PHE B 56 -16.30 -6.10 -4.69
CA PHE B 56 -15.86 -7.34 -4.03
C PHE B 56 -15.62 -8.40 -5.10
N PRO B 57 -14.62 -9.31 -4.98
CA PRO B 57 -13.66 -9.39 -3.87
C PRO B 57 -12.38 -8.62 -4.20
N GLN B 58 -11.68 -8.12 -3.17
CA GLN B 58 -10.38 -7.45 -3.33
C GLN B 58 -9.45 -7.92 -2.23
N PRO B 59 -8.95 -9.16 -2.37
CA PRO B 59 -8.23 -9.83 -1.27
C PRO B 59 -6.97 -9.09 -0.77
N LEU B 60 -6.38 -8.24 -1.60
CA LEU B 60 -5.16 -7.48 -1.20
C LEU B 60 -5.54 -6.13 -0.61
N LEU B 61 -6.83 -5.80 -0.54
CA LEU B 61 -7.25 -4.56 0.15
C LEU B 61 -7.28 -4.84 1.67
N ASP B 62 -6.22 -4.39 2.34
CA ASP B 62 -6.00 -4.60 3.79
C ASP B 62 -6.56 -3.40 4.59
N ARG B 63 -6.57 -2.21 3.99
CA ARG B 63 -6.98 -0.98 4.70
C ARG B 63 -7.27 0.07 3.66
N THR B 64 -8.14 1.00 4.02
CA THR B 64 -8.23 2.30 3.31
C THR B 64 -6.93 3.07 3.51
N GLN B 65 -6.40 3.61 2.41
CA GLN B 65 -5.06 4.22 2.44
C GLN B 65 -5.11 5.48 1.60
N VAL B 66 -4.46 6.56 2.04
CA VAL B 66 -4.41 7.81 1.25
C VAL B 66 -2.96 8.30 1.24
N THR B 67 -2.51 8.84 0.12
CA THR B 67 -1.18 9.47 0.06
C THR B 67 -1.22 10.58 -0.97
N PHE B 68 -0.05 11.12 -1.22
CA PHE B 68 0.17 12.24 -2.14
C PHE B 68 1.35 11.87 -3.04
N SER B 69 1.35 12.41 -4.26
CA SER B 69 2.49 12.28 -5.15
C SER B 69 2.72 13.56 -5.96
N ALA B 70 3.95 14.03 -5.94
CA ALA B 70 4.44 15.04 -6.88
C ALA B 70 5.24 14.39 -8.01
N GLN B 71 5.18 13.07 -8.18
CA GLN B 71 5.98 12.42 -9.24
C GLN B 71 5.26 12.41 -10.61
N GLY B 72 3.95 12.61 -10.68
CA GLY B 72 3.23 12.56 -11.95
C GLY B 72 3.50 11.29 -12.73
N GLU B 73 3.83 11.44 -14.01
CA GLU B 73 4.12 10.28 -14.88
C GLU B 73 5.34 9.50 -14.43
N GLY B 74 6.23 10.16 -13.70
CA GLY B 74 7.43 9.54 -13.12
C GLY B 74 8.67 9.64 -13.99
N TRP B 75 9.80 9.59 -13.30
CA TRP B 75 11.11 9.75 -13.98
C TRP B 75 11.32 8.63 -15.00
N PRO B 76 10.88 7.35 -14.83
CA PRO B 76 11.15 6.39 -15.91
C PRO B 76 10.55 6.82 -17.26
N ALA B 77 9.33 7.32 -17.25
CA ALA B 77 8.63 7.76 -18.47
C ALA B 77 9.36 8.98 -19.02
N LEU B 78 9.65 9.96 -18.17
CA LEU B 78 10.19 11.22 -18.72
C LEU B 78 11.64 11.01 -19.16
N LEU B 79 12.42 10.28 -18.38
CA LEU B 79 13.86 10.12 -18.71
C LEU B 79 13.98 9.37 -20.03
N ALA B 80 13.14 8.35 -20.24
CA ALA B 80 13.12 7.60 -21.51
C ALA B 80 12.81 8.53 -22.68
N ARG B 81 11.74 9.30 -22.66
CA ARG B 81 11.35 10.05 -23.87
C ARG B 81 12.30 11.23 -24.05
N MET B 82 12.89 11.76 -22.98
CA MET B 82 13.75 12.95 -23.14
C MET B 82 15.13 12.54 -23.69
N THR B 83 15.61 11.37 -23.33
CA THR B 83 16.92 10.86 -23.82
C THR B 83 16.76 10.08 -25.13
N GLY B 84 15.54 9.64 -25.48
CA GLY B 84 15.34 8.71 -26.59
C GLY B 84 15.82 7.34 -26.19
N GLY B 85 16.01 7.12 -24.89
CA GLY B 85 16.44 5.80 -24.38
C GLY B 85 15.33 4.96 -23.80
N GLU B 86 15.70 4.02 -22.94
CA GLU B 86 14.76 3.08 -22.31
C GLU B 86 15.13 2.93 -20.83
N VAL B 87 14.12 2.74 -20.00
CA VAL B 87 14.26 2.39 -18.57
C VAL B 87 13.44 1.11 -18.36
N THR B 88 14.11 -0.03 -18.33
CA THR B 88 13.44 -1.34 -18.48
C THR B 88 13.62 -2.16 -17.22
N SER B 89 12.49 -2.65 -16.72
CA SER B 89 12.42 -3.59 -15.58
C SER B 89 12.64 -4.99 -16.10
N ARG B 90 13.50 -5.75 -15.43
CA ARG B 90 13.70 -7.18 -15.80
C ARG B 90 13.98 -7.94 -14.50
N HIS B 91 13.63 -9.23 -14.50
CA HIS B 91 14.19 -10.19 -13.54
C HIS B 91 15.23 -10.98 -14.32
N VAL B 92 16.50 -10.70 -14.06
CA VAL B 92 17.65 -11.26 -14.82
C VAL B 92 17.98 -12.62 -14.19
N PRO B 93 18.20 -13.70 -14.95
CA PRO B 93 18.71 -14.92 -14.38
C PRO B 93 20.13 -14.67 -13.81
N ARG B 94 20.44 -15.39 -12.75
CA ARG B 94 21.71 -15.22 -12.01
C ARG B 94 22.86 -15.32 -13.02
N GLU B 95 22.76 -16.22 -14.02
CA GLU B 95 23.92 -16.49 -14.92
C GLU B 95 24.16 -15.27 -15.81
N GLU B 96 23.20 -14.33 -15.90
CA GLU B 96 23.32 -13.11 -16.74
C GLU B 96 23.50 -11.84 -15.91
N LEU B 97 23.49 -11.88 -14.58
CA LEU B 97 23.46 -10.61 -13.81
C LEU B 97 24.73 -9.77 -14.03
N LEU B 98 25.91 -10.35 -13.81
CA LEU B 98 27.16 -9.52 -13.90
C LEU B 98 27.32 -9.00 -15.32
N SER B 99 27.04 -9.81 -16.33
CA SER B 99 27.18 -9.39 -17.74
C SER B 99 26.21 -8.23 -17.98
N THR B 100 25.02 -8.29 -17.39
CA THR B 100 24.01 -7.21 -17.54
C THR B 100 24.57 -5.95 -16.93
N LEU B 101 25.18 -6.02 -15.75
CA LEU B 101 25.69 -4.82 -15.04
C LEU B 101 26.80 -4.18 -15.89
N HIS B 102 27.68 -5.00 -16.50
CA HIS B 102 28.77 -4.45 -17.34
C HIS B 102 28.19 -3.85 -18.61
N ALA B 103 27.27 -4.55 -19.27
CA ALA B 103 26.67 -4.12 -20.54
C ALA B 103 25.90 -2.81 -20.35
N ASP B 104 25.09 -2.67 -19.29
CA ASP B 104 24.25 -1.45 -19.08
C ASP B 104 25.17 -0.24 -18.86
N ARG B 105 26.36 -0.44 -18.30
CA ARG B 105 27.20 0.71 -17.92
C ARG B 105 27.56 1.58 -19.15
N ALA B 106 27.77 1.01 -20.35
CA ALA B 106 28.16 1.78 -21.56
C ALA B 106 27.15 2.90 -21.86
N GLU B 107 25.86 2.63 -21.61
CA GLU B 107 24.71 3.44 -22.09
C GLU B 107 23.98 4.07 -20.89
N GLY B 108 24.49 3.91 -19.68
CA GLY B 108 23.91 4.53 -18.46
C GLY B 108 24.22 3.74 -17.23
N GLY B 109 23.34 2.82 -16.85
CA GLY B 109 23.63 1.99 -15.68
C GLY B 109 22.41 1.22 -15.25
N THR B 110 22.45 0.72 -14.03
CA THR B 110 21.46 -0.24 -13.52
C THR B 110 21.09 0.14 -12.11
N LEU B 111 19.80 0.07 -11.79
CA LEU B 111 19.33 0.02 -10.41
C LEU B 111 19.16 -1.44 -10.05
N LEU B 112 19.91 -1.88 -9.05
CA LEU B 112 19.91 -3.30 -8.61
C LEU B 112 19.20 -3.37 -7.27
N PHE B 113 18.16 -4.18 -7.20
CA PHE B 113 17.38 -4.32 -5.97
C PHE B 113 18.02 -5.31 -5.02
N MET B 114 17.87 -5.06 -3.74
CA MET B 114 18.26 -6.05 -2.72
C MET B 114 17.51 -5.79 -1.43
N GLU B 115 17.47 -6.77 -0.55
CA GLU B 115 16.80 -6.57 0.75
C GLU B 115 17.58 -5.58 1.61
N ASP B 116 16.92 -4.92 2.56
CA ASP B 116 17.65 -3.97 3.43
C ASP B 116 18.75 -4.76 4.19
N ARG B 117 18.48 -6.01 4.54
CA ARG B 117 19.37 -6.82 5.42
C ARG B 117 20.64 -7.23 4.66
N ALA B 118 20.70 -7.04 3.33
CA ALA B 118 21.89 -7.30 2.50
C ALA B 118 22.81 -6.06 2.49
N CYS B 119 22.34 -4.93 3.01
CA CYS B 119 23.10 -3.66 2.98
C CYS B 119 23.55 -3.32 4.40
N PRO B 120 24.81 -3.62 4.78
CA PRO B 120 25.23 -3.38 6.17
C PRO B 120 25.00 -1.96 6.71
N TRP B 121 25.15 -0.96 5.85
CA TRP B 121 24.99 0.46 6.24
C TRP B 121 23.55 0.83 6.62
N LEU B 122 22.56 -0.02 6.31
CA LEU B 122 21.16 0.27 6.70
C LEU B 122 20.91 -0.21 8.16
N ASP B 123 21.85 -0.92 8.76
CA ASP B 123 21.69 -1.46 10.13
C ASP B 123 20.33 -2.17 10.24
N SER B 124 20.06 -3.15 9.36
CA SER B 124 18.74 -3.83 9.29
C SER B 124 18.95 -5.34 9.18
N ALA B 125 19.87 -5.92 9.96
CA ALA B 125 20.16 -7.37 9.84
C ALA B 125 18.92 -8.22 10.11
N HIS B 126 18.00 -7.76 10.95
CA HIS B 126 16.92 -8.59 11.51
C HIS B 126 15.65 -8.46 10.67
N SER B 127 15.66 -7.68 9.60
CA SER B 127 14.42 -7.50 8.78
C SER B 127 14.74 -7.20 7.32
N PRO B 128 13.99 -7.79 6.36
CA PRO B 128 14.11 -7.40 4.96
C PRO B 128 13.43 -6.05 4.64
N GLY B 129 12.78 -5.47 5.63
CA GLY B 129 12.08 -4.18 5.52
C GLY B 129 10.73 -4.37 4.85
N MET B 130 9.95 -3.31 4.80
CA MET B 130 8.58 -3.33 4.24
C MET B 130 8.67 -3.50 2.72
N LEU B 131 9.71 -2.92 2.12
CA LEU B 131 9.95 -2.90 0.66
C LEU B 131 11.43 -3.16 0.42
N PRO B 132 11.78 -3.67 -0.77
CA PRO B 132 13.18 -3.87 -1.12
C PRO B 132 13.85 -2.51 -1.30
N HIS B 133 15.17 -2.55 -1.14
CA HIS B 133 16.05 -1.40 -1.36
C HIS B 133 16.62 -1.52 -2.77
N VAL B 134 17.33 -0.48 -3.16
CA VAL B 134 17.98 -0.43 -4.48
C VAL B 134 19.29 0.32 -4.29
N VAL B 135 20.26 -0.08 -5.11
CA VAL B 135 21.57 0.59 -5.22
C VAL B 135 21.96 0.71 -6.69
N VAL B 136 22.97 1.52 -6.98
CA VAL B 136 23.58 1.55 -8.34
C VAL B 136 24.98 0.97 -8.34
N PRO B 137 25.21 -0.20 -8.97
CA PRO B 137 26.58 -0.72 -9.13
C PRO B 137 27.40 0.31 -9.92
N ASP B 138 28.61 0.59 -9.43
CA ASP B 138 29.46 1.65 -10.01
C ASP B 138 30.87 1.11 -10.28
N GLY B 139 30.95 -0.08 -10.85
CA GLY B 139 32.21 -0.69 -11.31
C GLY B 139 32.83 -1.57 -10.26
N VAL B 140 33.78 -2.40 -10.70
CA VAL B 140 34.67 -3.20 -9.81
C VAL B 140 35.90 -2.35 -9.48
N ALA B 141 36.29 -2.29 -8.21
CA ALA B 141 37.45 -1.52 -7.73
C ALA B 141 38.69 -2.36 -7.99
N PRO B 142 39.90 -1.78 -7.79
CA PRO B 142 41.16 -2.52 -7.96
C PRO B 142 41.13 -3.93 -7.32
N ASP B 143 40.63 -4.03 -6.08
CA ASP B 143 40.63 -5.25 -5.23
C ASP B 143 39.51 -6.27 -5.57
N GLY B 144 38.77 -6.12 -6.66
CA GLY B 144 37.76 -7.12 -7.10
C GLY B 144 36.35 -6.87 -6.55
N SER B 145 36.23 -5.99 -5.56
CA SER B 145 34.96 -5.61 -4.86
C SER B 145 34.16 -4.59 -5.69
N TRP B 146 32.83 -4.70 -5.66
CA TRP B 146 31.93 -3.77 -6.37
C TRP B 146 31.78 -2.50 -5.55
N GLN B 147 31.75 -1.34 -6.21
CA GLN B 147 31.35 -0.06 -5.58
C GLN B 147 29.86 0.12 -5.83
N LEU B 148 29.12 0.40 -4.76
CA LEU B 148 27.64 0.55 -4.81
C LEU B 148 27.33 1.98 -4.41
N ILE B 149 26.55 2.66 -5.24
CA ILE B 149 26.07 4.01 -4.90
C ILE B 149 24.70 3.90 -4.19
N GLU B 150 24.57 4.56 -3.04
CA GLU B 150 23.34 4.65 -2.23
C GLU B 150 22.74 6.01 -2.53
N GLY B 151 21.55 6.06 -3.11
CA GLY B 151 20.88 7.32 -3.53
C GLY B 151 19.84 7.84 -2.55
N HIS B 152 19.58 7.16 -1.42
CA HIS B 152 18.67 7.70 -0.38
C HIS B 152 19.45 8.73 0.46
N SER B 153 18.93 9.94 0.61
CA SER B 153 19.68 11.03 1.27
C SER B 153 20.27 10.59 2.61
N TRP B 154 19.54 9.91 3.46
CA TRP B 154 20.08 9.65 4.81
C TRP B 154 21.40 8.85 4.71
N TRP B 155 21.43 7.81 3.90
CA TRP B 155 22.59 6.91 3.80
C TRP B 155 23.52 7.27 2.64
N ARG B 156 23.29 8.41 1.99
CA ARG B 156 23.92 8.73 0.70
C ARG B 156 25.44 8.54 0.82
N GLY B 157 26.00 7.92 -0.21
CA GLY B 157 27.44 7.72 -0.37
C GLY B 157 27.73 6.45 -1.13
N ARG B 158 28.95 5.99 -1.04
CA ARG B 158 29.49 4.85 -1.82
C ARG B 158 29.90 3.76 -0.84
N TYR B 159 29.60 2.52 -1.16
CA TYR B 159 29.85 1.37 -0.28
C TYR B 159 30.46 0.27 -1.11
N ALA B 160 31.25 -0.58 -0.45
CA ALA B 160 31.93 -1.70 -1.14
C ALA B 160 31.20 -2.97 -0.78
N MET B 161 31.08 -3.81 -1.77
CA MET B 161 30.51 -5.15 -1.52
C MET B 161 31.27 -6.15 -2.39
N SER B 162 31.61 -7.28 -1.81
CA SER B 162 32.22 -8.34 -2.63
C SER B 162 31.25 -8.87 -3.68
N GLU B 163 31.78 -9.35 -4.79
CA GLU B 163 30.98 -9.87 -5.91
C GLU B 163 30.11 -11.02 -5.42
N GLN B 164 30.67 -11.90 -4.58
CA GLN B 164 29.85 -13.05 -4.11
C GLN B 164 28.70 -12.49 -3.26
N ASP B 165 28.96 -11.44 -2.47
CA ASP B 165 27.92 -10.86 -1.57
C ASP B 165 26.88 -10.15 -2.46
N LEU B 166 27.33 -9.53 -3.55
CA LEU B 166 26.38 -8.86 -4.49
C LEU B 166 25.43 -9.88 -5.10
N LEU B 167 25.95 -11.01 -5.58
CA LEU B 167 25.11 -12.03 -6.23
C LEU B 167 24.18 -12.64 -5.17
N ALA B 168 24.68 -12.84 -3.94
CA ALA B 168 23.84 -13.40 -2.86
C ALA B 168 22.69 -12.43 -2.56
N ALA B 169 22.98 -11.12 -2.57
CA ALA B 169 22.01 -10.03 -2.34
C ALA B 169 20.97 -10.00 -3.45
N SER B 170 21.35 -10.27 -4.71
CA SER B 170 20.42 -10.22 -5.85
C SER B 170 19.50 -11.45 -5.86
N TYR B 171 19.94 -12.58 -5.30
CA TYR B 171 19.18 -13.85 -5.32
C TYR B 171 19.04 -14.36 -3.88
N PRO B 172 18.33 -13.63 -2.99
CA PRO B 172 18.17 -14.06 -1.62
C PRO B 172 17.29 -15.30 -1.53
N ASP B 173 17.43 -16.01 -0.43
CA ASP B 173 16.52 -17.12 -0.08
C ASP B 173 16.37 -17.09 1.44
N PRO B 174 15.13 -16.92 1.97
CA PRO B 174 13.94 -16.69 1.17
C PRO B 174 13.93 -15.29 0.54
N ASP B 175 12.89 -15.01 -0.25
CA ASP B 175 12.82 -13.76 -1.07
C ASP B 175 11.43 -13.14 -0.96
N PRO B 176 11.07 -12.56 0.23
CA PRO B 176 9.72 -12.02 0.42
C PRO B 176 9.41 -10.92 -0.61
N HIS B 177 10.38 -10.05 -0.94
CA HIS B 177 10.10 -8.92 -1.86
C HIS B 177 10.16 -9.30 -3.34
N HIS B 178 10.55 -10.54 -3.67
CA HIS B 178 10.85 -10.96 -5.07
C HIS B 178 11.92 -10.00 -5.63
N VAL B 179 13.07 -9.97 -4.98
CA VAL B 179 14.21 -9.15 -5.49
C VAL B 179 14.97 -9.93 -6.58
N ALA B 180 14.77 -11.25 -6.73
CA ALA B 180 15.55 -12.19 -7.58
C ALA B 180 15.95 -11.57 -8.90
N GLY B 181 17.20 -11.11 -8.99
CA GLY B 181 17.77 -10.53 -10.22
C GLY B 181 16.98 -9.34 -10.75
N ARG B 182 16.30 -8.63 -9.86
CA ARG B 182 15.46 -7.47 -10.25
C ARG B 182 16.36 -6.27 -10.53
N VAL B 183 16.27 -5.76 -11.75
CA VAL B 183 17.06 -4.57 -12.14
C VAL B 183 16.14 -3.61 -12.86
N LEU B 184 16.49 -2.35 -12.82
CA LEU B 184 16.00 -1.39 -13.81
C LEU B 184 17.22 -1.01 -14.65
N SER B 185 17.23 -1.33 -15.93
CA SER B 185 18.32 -1.02 -16.86
C SER B 185 18.06 0.36 -17.48
N LEU B 186 18.97 1.30 -17.28
CA LEU B 186 18.79 2.66 -17.83
C LEU B 186 19.73 2.75 -19.01
N ARG B 187 19.21 2.60 -20.21
CA ARG B 187 20.00 2.78 -21.45
C ARG B 187 19.56 4.12 -22.01
N ILE B 188 20.24 5.16 -21.57
CA ILE B 188 19.69 6.55 -21.61
C ILE B 188 20.67 7.54 -22.22
N ARG B 189 21.76 7.10 -22.84
CA ARG B 189 22.76 8.09 -23.30
C ARG B 189 22.21 8.81 -24.50
N PRO B 190 22.02 10.14 -24.44
CA PRO B 190 21.46 10.86 -25.58
C PRO B 190 22.48 10.94 -26.73
N SER B 191 21.95 11.09 -27.93
CA SER B 191 22.71 11.48 -29.14
C SER B 191 23.34 12.84 -28.86
N ALA B 192 24.37 13.22 -29.62
CA ALA B 192 24.97 14.57 -29.47
C ALA B 192 23.92 15.64 -29.75
N GLU B 193 23.06 15.47 -30.75
CA GLU B 193 22.06 16.50 -31.15
C GLU B 193 21.02 16.61 -30.03
N ARG B 194 20.66 15.48 -29.38
CA ARG B 194 19.68 15.52 -28.26
C ARG B 194 20.31 16.19 -27.03
N ALA B 195 21.56 15.89 -26.71
CA ALA B 195 22.26 16.41 -25.52
C ALA B 195 22.27 17.93 -25.63
N ALA B 196 22.52 18.43 -26.84
CA ALA B 196 22.59 19.89 -27.13
C ALA B 196 21.25 20.56 -26.85
N GLN B 197 20.16 19.81 -26.86
CA GLN B 197 18.81 20.40 -26.77
C GLN B 197 18.09 20.01 -25.47
N LEU B 198 18.78 19.41 -24.49
CA LEU B 198 18.08 18.89 -23.29
C LEU B 198 17.28 20.02 -22.61
N ASP B 199 17.83 21.23 -22.52
CA ASP B 199 17.08 22.33 -21.85
C ASP B 199 15.86 22.75 -22.67
N THR B 200 15.88 22.60 -24.00
CA THR B 200 14.70 22.85 -24.83
C THR B 200 13.64 21.82 -24.45
N LEU B 201 14.01 20.54 -24.40
CA LEU B 201 13.04 19.47 -24.06
C LEU B 201 12.54 19.74 -22.65
N ALA B 202 13.39 20.17 -21.73
CA ALA B 202 12.99 20.41 -20.33
C ALA B 202 11.93 21.53 -20.30
N ARG B 203 12.15 22.59 -21.07
N ARG B 203 12.11 22.61 -21.07
CA ARG B 203 11.20 23.73 -21.23
CA ARG B 203 11.12 23.70 -21.12
C ARG B 203 9.83 23.20 -21.68
C ARG B 203 9.78 23.17 -21.65
N GLN B 204 9.83 22.29 -22.65
CA GLN B 204 8.60 21.77 -23.27
C GLN B 204 7.90 20.83 -22.29
N GLU B 205 8.66 20.00 -21.59
CA GLU B 205 8.07 19.13 -20.55
C GLU B 205 7.49 20.01 -19.43
N LEU B 206 8.15 21.12 -19.09
CA LEU B 206 7.70 21.97 -17.97
C LEU B 206 6.32 22.53 -18.30
N ALA B 207 6.17 23.11 -19.49
CA ALA B 207 4.86 23.63 -19.95
C ALA B 207 3.82 22.51 -19.96
N ALA B 208 4.19 21.34 -20.45
CA ALA B 208 3.18 20.25 -20.59
C ALA B 208 2.66 19.82 -19.21
N GLY B 209 3.56 19.70 -18.22
CA GLY B 209 3.12 19.28 -16.89
C GLY B 209 2.28 20.34 -16.24
N LEU B 210 2.63 21.62 -16.41
CA LEU B 210 1.81 22.75 -15.94
C LEU B 210 0.41 22.64 -16.55
N ARG B 211 0.30 22.38 -17.84
CA ARG B 211 -1.05 22.27 -18.47
C ARG B 211 -1.77 21.07 -17.87
N THR B 212 -1.07 19.96 -17.66
CA THR B 212 -1.67 18.74 -17.05
C THR B 212 -2.23 19.07 -15.66
N TYR B 213 -1.43 19.76 -14.87
CA TYR B 213 -1.81 20.19 -13.52
C TYR B 213 -3.11 20.98 -13.61
N LEU B 214 -3.13 22.03 -14.43
CA LEU B 214 -4.34 22.89 -14.52
C LEU B 214 -5.53 22.10 -15.08
N ALA B 215 -5.33 21.08 -15.91
CA ALA B 215 -6.42 20.23 -16.44
C ALA B 215 -7.10 19.45 -15.30
N ALA B 216 -6.42 19.18 -14.20
CA ALA B 216 -7.02 18.62 -12.96
C ALA B 216 -7.86 17.39 -13.29
N GLU B 217 -7.28 16.47 -14.02
CA GLU B 217 -7.92 15.16 -14.32
C GLU B 217 -8.00 14.31 -13.04
N CYS B 218 -8.97 13.43 -13.03
CA CYS B 218 -9.15 12.43 -11.97
C CYS B 218 -9.52 11.11 -12.62
N GLY B 219 -9.37 10.02 -11.88
CA GLY B 219 -9.73 8.71 -12.41
C GLY B 219 -9.86 7.71 -11.30
N GLU B 220 -10.18 6.49 -11.69
CA GLU B 220 -10.27 5.35 -10.76
C GLU B 220 -10.04 4.07 -11.50
N THR B 221 -9.65 3.03 -10.77
CA THR B 221 -9.48 1.69 -11.37
C THR B 221 -9.82 0.69 -10.27
N GLU B 222 -10.42 -0.44 -10.62
CA GLU B 222 -10.72 -1.51 -9.67
C GLU B 222 -9.60 -2.51 -9.79
N THR B 223 -8.98 -2.87 -8.67
CA THR B 223 -7.88 -3.84 -8.69
C THR B 223 -8.12 -4.89 -7.62
N PRO B 224 -7.37 -6.00 -7.60
CA PRO B 224 -7.46 -6.94 -6.48
C PRO B 224 -7.01 -6.39 -5.13
N ALA B 225 -6.33 -5.25 -5.16
CA ALA B 225 -5.84 -4.53 -3.96
C ALA B 225 -6.74 -3.37 -3.58
N GLY B 226 -7.91 -3.24 -4.22
CA GLY B 226 -8.80 -2.15 -3.91
C GLY B 226 -9.10 -1.30 -5.10
N ARG B 227 -10.08 -0.44 -4.93
CA ARG B 227 -10.35 0.66 -5.86
C ARG B 227 -9.28 1.72 -5.63
N ILE B 228 -8.57 2.09 -6.69
CA ILE B 228 -7.55 3.15 -6.57
C ILE B 228 -8.15 4.38 -7.25
N VAL B 229 -8.18 5.48 -6.54
CA VAL B 229 -8.73 6.77 -7.00
C VAL B 229 -7.59 7.78 -7.03
N TRP B 230 -7.55 8.63 -8.04
CA TRP B 230 -6.55 9.72 -8.02
C TRP B 230 -7.22 11.00 -8.50
N ALA B 231 -6.67 12.11 -8.05
CA ALA B 231 -7.12 13.48 -8.41
C ALA B 231 -5.91 14.39 -8.56
N ASN B 232 -5.75 14.98 -9.74
CA ASN B 232 -4.61 15.86 -10.07
C ASN B 232 -4.99 17.33 -9.86
N GLY B 233 -3.99 18.17 -9.72
CA GLY B 233 -4.14 19.60 -9.93
C GLY B 233 -4.38 20.37 -8.64
N PRO B 234 -4.83 21.62 -8.79
CA PRO B 234 -5.00 22.54 -7.66
C PRO B 234 -5.85 22.01 -6.50
N GLN B 235 -6.83 21.14 -6.76
CA GLN B 235 -7.67 20.59 -5.67
C GLN B 235 -7.10 19.30 -5.09
N SER B 236 -5.95 18.80 -5.58
CA SER B 236 -5.40 17.54 -5.04
C SER B 236 -5.12 17.70 -3.54
N VAL B 237 -4.48 18.79 -3.12
CA VAL B 237 -4.04 18.91 -1.70
C VAL B 237 -5.26 19.23 -0.83
N PRO B 238 -6.17 20.13 -1.24
CA PRO B 238 -7.42 20.30 -0.48
C PRO B 238 -8.20 18.99 -0.29
N LEU B 239 -8.28 18.18 -1.35
CA LEU B 239 -8.97 16.86 -1.24
C LEU B 239 -8.20 15.97 -0.28
N LEU B 240 -6.87 16.02 -0.33
CA LEU B 240 -6.03 15.14 0.51
C LEU B 240 -6.28 15.50 1.98
N VAL B 241 -6.24 16.78 2.29
CA VAL B 241 -6.43 17.27 3.68
C VAL B 241 -7.83 16.86 4.16
N GLU B 242 -8.85 17.02 3.32
CA GLU B 242 -10.23 16.65 3.74
C GLU B 242 -10.23 15.16 4.06
N ARG B 243 -9.55 14.33 3.26
CA ARG B 243 -9.59 12.87 3.49
C ARG B 243 -8.81 12.52 4.76
N LEU B 244 -7.65 13.14 4.96
CA LEU B 244 -6.75 12.84 6.10
C LEU B 244 -7.44 13.17 7.42
N ARG B 245 -8.43 14.07 7.40
CA ARG B 245 -9.16 14.39 8.65
C ARG B 245 -9.76 13.11 9.22
N GLY B 246 -10.02 12.13 8.36
CA GLY B 246 -10.56 10.82 8.76
C GLY B 246 -9.65 10.03 9.68
N TRP B 247 -8.36 10.39 9.82
CA TRP B 247 -7.41 9.68 10.69
C TRP B 247 -7.22 10.40 12.04
N ASP B 248 -8.06 11.40 12.30
CA ASP B 248 -8.03 12.16 13.58
C ASP B 248 -8.20 11.22 14.77
N TYR B 249 -8.82 10.05 14.62
CA TYR B 249 -8.99 9.05 15.70
C TYR B 249 -7.64 8.56 16.24
N LEU B 250 -6.54 8.73 15.48
CA LEU B 250 -5.22 8.17 15.89
C LEU B 250 -4.73 8.91 17.13
N CYS B 251 -5.08 10.17 17.26
CA CYS B 251 -4.55 11.08 18.32
C CYS B 251 -4.98 10.51 19.68
N PRO B 252 -6.29 10.39 19.97
CA PRO B 252 -6.70 9.89 21.27
C PRO B 252 -6.29 8.41 21.41
N LEU B 253 -6.22 7.68 20.30
CA LEU B 253 -5.86 6.25 20.39
C LEU B 253 -4.37 6.06 20.72
N ALA B 254 -3.48 6.92 20.21
CA ALA B 254 -2.01 6.81 20.40
C ALA B 254 -1.61 7.28 21.81
N ALA B 255 -2.50 8.02 22.46
CA ALA B 255 -2.30 8.55 23.83
C ALA B 255 -2.58 7.45 24.86
N ARG B 256 -3.48 6.51 24.56
CA ARG B 256 -3.77 5.38 25.47
C ARG B 256 -2.50 4.54 25.61
N ASN B 257 -2.32 3.84 26.74
CA ASN B 257 -1.03 3.15 27.03
C ASN B 257 -1.23 1.63 27.14
N ASP B 258 -2.46 1.15 27.00
CA ASP B 258 -2.81 -0.26 27.30
C ASP B 258 -3.49 -0.87 26.06
N LEU B 259 -2.92 -0.73 24.87
CA LEU B 259 -3.65 -1.03 23.62
C LEU B 259 -3.70 -2.54 23.32
N SER B 260 -4.87 -3.00 22.91
CA SER B 260 -5.06 -4.34 22.30
C SER B 260 -4.09 -4.50 21.11
N THR B 261 -3.79 -5.73 20.75
CA THR B 261 -3.07 -6.06 19.49
C THR B 261 -3.71 -5.28 18.33
N GLU B 262 -5.04 -5.32 18.18
CA GLU B 262 -5.77 -4.74 17.01
C GLU B 262 -5.64 -3.21 17.03
N HIS B 263 -5.79 -2.57 18.20
CA HIS B 263 -5.64 -1.10 18.31
C HIS B 263 -4.18 -0.68 18.10
N ALA B 264 -3.23 -1.45 18.60
CA ALA B 264 -1.79 -1.21 18.38
C ALA B 264 -1.51 -1.29 16.87
N ARG B 265 -2.12 -2.25 16.18
CA ARG B 265 -2.01 -2.33 14.69
C ARG B 265 -2.61 -1.07 14.06
N ASP B 266 -3.79 -0.62 14.51
CA ASP B 266 -4.44 0.58 13.92
C ASP B 266 -3.48 1.75 14.05
N VAL B 267 -2.88 1.94 15.23
CA VAL B 267 -1.93 3.07 15.44
C VAL B 267 -0.68 2.88 14.56
N ALA B 268 -0.09 1.69 14.52
CA ALA B 268 1.13 1.38 13.74
C ALA B 268 0.88 1.71 12.25
N LEU B 269 -0.26 1.26 11.71
CA LEU B 269 -0.61 1.48 10.29
C LEU B 269 -0.90 2.97 10.06
N GLY B 270 -1.53 3.64 11.03
CA GLY B 270 -1.86 5.06 10.91
C GLY B 270 -0.61 5.88 10.93
N ARG B 271 0.31 5.54 11.81
CA ARG B 271 1.61 6.28 11.87
C ARG B 271 2.34 6.03 10.54
N TYR B 272 2.30 4.82 10.03
CA TYR B 272 3.01 4.47 8.79
C TYR B 272 2.38 5.27 7.62
N LEU B 273 1.07 5.50 7.63
CA LEU B 273 0.40 6.29 6.57
C LEU B 273 1.03 7.70 6.58
N PHE B 274 1.21 8.30 7.75
CA PHE B 274 1.79 9.65 7.84
C PHE B 274 3.31 9.64 7.55
N LEU B 275 4.02 8.56 7.86
CA LEU B 275 5.46 8.40 7.53
C LEU B 275 5.60 8.38 6.01
N ALA B 276 4.82 7.52 5.34
CA ALA B 276 4.84 7.40 3.88
C ALA B 276 4.50 8.75 3.25
N LEU B 277 3.49 9.42 3.77
CA LEU B 277 3.06 10.73 3.27
C LEU B 277 4.19 11.72 3.45
N THR B 278 4.86 11.68 4.59
CA THR B 278 5.96 12.62 4.87
C THR B 278 7.06 12.44 3.82
N ASP B 279 7.39 11.21 3.43
CA ASP B 279 8.44 10.97 2.40
C ASP B 279 7.99 11.59 1.05
N GLU B 280 6.69 11.61 0.75
CA GLU B 280 6.14 12.21 -0.48
C GLU B 280 6.20 13.72 -0.37
N LEU B 281 6.06 14.25 0.85
CA LEU B 281 6.20 15.71 1.04
C LEU B 281 7.67 16.10 0.88
N ALA B 282 8.60 15.30 1.38
CA ALA B 282 10.05 15.54 1.18
C ALA B 282 10.32 15.56 -0.33
N PHE B 283 9.79 14.55 -1.03
CA PHE B 283 9.97 14.48 -2.50
C PHE B 283 9.41 15.75 -3.15
N ALA B 284 8.22 16.19 -2.73
CA ALA B 284 7.66 17.43 -3.29
C ALA B 284 8.64 18.57 -3.07
N ALA B 285 9.23 18.70 -1.88
CA ALA B 285 10.15 19.83 -1.65
C ALA B 285 11.35 19.67 -2.60
N TYR B 286 11.83 18.44 -2.78
CA TYR B 286 12.98 18.13 -3.67
C TYR B 286 12.62 18.53 -5.12
N ALA B 287 11.45 18.12 -5.58
CA ALA B 287 11.02 18.31 -6.98
C ALA B 287 10.82 19.79 -7.26
N ARG B 288 10.13 20.48 -6.35
CA ARG B 288 9.88 21.93 -6.49
C ARG B 288 11.21 22.67 -6.49
N ALA B 289 12.15 22.28 -5.66
CA ALA B 289 13.50 22.92 -5.71
C ALA B 289 14.10 22.71 -7.11
N GLY B 290 13.98 21.51 -7.67
CA GLY B 290 14.43 21.24 -9.02
C GLY B 290 13.77 22.16 -10.02
N THR B 291 12.45 22.33 -9.91
CA THR B 291 11.71 23.25 -10.79
C THR B 291 12.32 24.65 -10.69
N LEU B 292 12.56 25.11 -9.48
CA LEU B 292 13.10 26.50 -9.37
C LEU B 292 14.49 26.57 -9.99
N ARG B 293 15.33 25.53 -9.86
CA ARG B 293 16.68 25.57 -10.52
C ARG B 293 16.46 25.57 -12.03
N LEU B 294 15.45 24.83 -12.51
CA LEU B 294 15.19 24.80 -13.96
C LEU B 294 14.77 26.19 -14.46
N VAL B 295 13.83 26.82 -13.75
CA VAL B 295 13.25 28.11 -14.18
C VAL B 295 14.40 29.14 -14.14
N GLU B 296 15.28 29.03 -13.16
CA GLU B 296 16.37 30.03 -12.98
C GLU B 296 17.27 29.92 -14.22
N GLY B 297 17.68 28.69 -14.55
CA GLY B 297 18.57 28.44 -15.71
C GLY B 297 17.95 28.74 -17.08
N LEU B 298 16.62 28.77 -17.20
CA LEU B 298 15.91 29.11 -18.45
C LEU B 298 15.75 30.63 -18.58
N GLY B 299 16.12 31.36 -17.53
CA GLY B 299 15.99 32.83 -17.49
C GLY B 299 14.57 33.32 -17.18
N LEU B 300 13.73 32.49 -16.55
CA LEU B 300 12.29 32.78 -16.38
C LEU B 300 11.97 33.23 -14.94
N ALA B 301 12.95 33.29 -14.05
CA ALA B 301 12.73 33.52 -12.61
C ALA B 301 11.96 34.85 -12.43
N GLY B 302 12.08 35.77 -13.40
CA GLY B 302 11.38 37.07 -13.54
C GLY B 302 9.87 37.00 -13.35
N ALA B 303 9.17 36.05 -13.98
CA ALA B 303 7.71 36.12 -14.17
C ALA B 303 6.97 35.44 -13.01
N VAL B 304 7.69 34.73 -12.14
CA VAL B 304 7.06 34.03 -10.97
C VAL B 304 7.25 34.86 -9.71
N GLY B 305 8.09 35.90 -9.82
CA GLY B 305 8.56 36.68 -8.68
C GLY B 305 9.28 35.77 -7.71
N GLY B 306 9.13 36.04 -6.44
CA GLY B 306 9.87 35.33 -5.40
C GLY B 306 9.04 34.22 -4.79
N LEU B 307 7.97 33.73 -5.44
CA LEU B 307 7.20 32.60 -4.86
C LEU B 307 8.13 31.39 -4.63
N ARG B 308 7.93 30.70 -3.52
CA ARG B 308 8.83 29.63 -3.06
C ARG B 308 8.00 28.39 -2.74
N PRO B 309 7.47 27.70 -3.76
CA PRO B 309 6.73 26.45 -3.50
C PRO B 309 7.66 25.40 -2.87
N ASP B 310 8.97 25.44 -3.11
CA ASP B 310 9.93 24.52 -2.45
C ASP B 310 9.84 24.74 -0.93
N GLU B 311 9.83 26.00 -0.50
CA GLU B 311 9.82 26.33 0.95
C GLU B 311 8.47 25.91 1.54
N ALA B 312 7.39 26.09 0.81
CA ALA B 312 6.07 25.73 1.33
C ALA B 312 6.02 24.22 1.54
N TRP B 313 6.50 23.45 0.56
CA TRP B 313 6.54 21.98 0.72
C TRP B 313 7.54 21.56 1.79
N ARG B 314 8.66 22.27 1.94
CA ARG B 314 9.60 21.96 3.03
C ARG B 314 8.85 22.08 4.38
N LEU B 315 8.07 23.13 4.54
CA LEU B 315 7.31 23.35 5.80
C LEU B 315 6.31 22.20 5.97
N ALA B 316 5.63 21.76 4.90
CA ALA B 316 4.70 20.62 5.01
C ALA B 316 5.46 19.37 5.46
N TRP B 317 6.61 19.09 4.82
CA TRP B 317 7.43 17.92 5.18
C TRP B 317 7.77 17.97 6.68
N ARG B 318 8.22 19.11 7.16
CA ARG B 318 8.58 19.23 8.61
C ARG B 318 7.35 18.96 9.48
N SER B 319 6.16 19.44 9.10
CA SER B 319 4.91 19.18 9.86
C SER B 319 4.60 17.69 9.84
N GLY B 320 4.83 17.04 8.71
CA GLY B 320 4.64 15.59 8.65
C GLY B 320 5.59 14.85 9.56
N GLN B 321 6.87 15.20 9.59
CA GLN B 321 7.85 14.54 10.47
C GLN B 321 7.38 14.72 11.93
N LYS B 322 6.96 15.94 12.27
CA LYS B 322 6.55 16.21 13.67
C LYS B 322 5.35 15.31 14.03
N LEU B 323 4.43 15.13 13.08
CA LEU B 323 3.19 14.36 13.34
C LEU B 323 3.50 12.88 13.45
N TYR B 324 4.27 12.28 12.54
CA TYR B 324 4.44 10.81 12.64
C TYR B 324 5.33 10.52 13.85
N ARG B 325 6.14 11.48 14.30
CA ARG B 325 7.06 11.25 15.43
C ARG B 325 6.25 11.37 16.73
N ARG B 326 5.27 12.25 16.74
CA ARG B 326 4.32 12.46 17.88
C ARG B 326 2.91 12.76 17.34
N LEU B 327 2.06 11.74 17.37
CA LEU B 327 0.70 11.77 16.80
C LEU B 327 -0.19 12.51 17.79
N ASP B 328 -0.39 13.81 17.66
CA ASP B 328 -1.33 14.55 18.51
C ASP B 328 -2.07 15.59 17.68
N ARG B 329 -3.10 16.18 18.26
CA ARG B 329 -4.08 16.97 17.47
C ARG B 329 -3.43 18.23 16.97
N GLN B 330 -2.55 18.81 17.78
CA GLN B 330 -1.84 20.05 17.44
C GLN B 330 -1.00 19.74 16.20
N ASN B 331 -0.27 18.62 16.22
CA ASN B 331 0.66 18.27 15.10
C ASN B 331 -0.18 17.95 13.85
N LEU B 332 -1.35 17.33 14.01
CA LEU B 332 -2.20 16.97 12.84
C LEU B 332 -2.75 18.26 12.22
N SER B 333 -3.27 19.17 13.06
CA SER B 333 -3.74 20.49 12.61
C SER B 333 -2.63 21.28 11.89
N ALA B 334 -1.40 21.25 12.41
CA ALA B 334 -0.26 21.97 11.79
C ALA B 334 0.03 21.39 10.39
N LEU B 335 0.02 20.08 10.28
CA LEU B 335 0.22 19.47 8.93
C LEU B 335 -0.85 19.98 7.96
N PHE B 336 -2.13 19.99 8.33
CA PHE B 336 -3.21 20.42 7.42
C PHE B 336 -2.98 21.87 7.03
N SER B 337 -2.60 22.75 7.97
CA SER B 337 -2.34 24.16 7.66
C SER B 337 -1.19 24.29 6.64
N ALA B 338 -0.11 23.56 6.86
CA ALA B 338 1.10 23.64 6.00
C ALA B 338 0.73 23.13 4.60
N LEU B 339 -0.08 22.07 4.54
CA LEU B 339 -0.50 21.52 3.21
C LEU B 339 -1.37 22.54 2.50
N GLU B 340 -2.33 23.18 3.19
CA GLU B 340 -3.19 24.18 2.52
C GLU B 340 -2.31 25.33 1.99
N LYS B 341 -1.31 25.77 2.76
CA LYS B 341 -0.38 26.84 2.31
C LYS B 341 0.38 26.38 1.06
N ALA B 342 0.88 25.13 1.08
CA ALA B 342 1.63 24.64 -0.09
C ALA B 342 0.71 24.62 -1.31
N ALA B 343 -0.54 24.23 -1.17
CA ALA B 343 -1.51 24.20 -2.29
C ALA B 343 -1.65 25.61 -2.86
N GLU B 344 -1.76 26.61 -2.00
CA GLU B 344 -1.98 28.02 -2.46
C GLU B 344 -0.75 28.51 -3.22
N VAL B 345 0.46 28.23 -2.69
CA VAL B 345 1.69 28.73 -3.33
C VAL B 345 1.86 27.99 -4.67
N ASP B 346 1.53 26.69 -4.68
CA ASP B 346 1.67 25.91 -5.94
C ASP B 346 0.81 26.50 -7.03
N VAL B 347 -0.47 26.77 -6.77
CA VAL B 347 -1.37 27.16 -7.88
C VAL B 347 -0.97 28.54 -8.41
N GLU B 348 -0.54 29.43 -7.53
CA GLU B 348 -0.14 30.77 -8.00
C GLU B 348 1.15 30.69 -8.80
N TYR B 349 2.09 29.89 -8.33
CA TYR B 349 3.40 29.70 -9.00
C TYR B 349 3.15 29.12 -10.39
N ALA B 350 2.31 28.09 -10.46
CA ALA B 350 2.04 27.36 -11.71
C ALA B 350 1.39 28.31 -12.71
N ARG B 351 0.45 29.12 -12.26
CA ARG B 351 -0.27 29.98 -13.21
C ARG B 351 0.70 31.04 -13.73
N ARG B 352 1.50 31.63 -12.85
CA ARG B 352 2.44 32.68 -13.24
C ARG B 352 3.49 32.12 -14.20
N LEU B 353 3.99 30.92 -13.89
CA LEU B 353 5.05 30.31 -14.73
C LEU B 353 4.48 29.96 -16.10
N LEU B 354 3.31 29.34 -16.19
CA LEU B 354 2.79 28.91 -17.51
C LEU B 354 2.59 30.14 -18.40
N LYS B 355 2.14 31.26 -17.84
CA LYS B 355 1.97 32.54 -18.58
C LYS B 355 3.28 32.90 -19.34
N GLU B 356 4.45 32.56 -18.82
CA GLU B 356 5.77 32.91 -19.43
C GLU B 356 6.29 31.79 -20.35
N LEU B 357 5.54 30.71 -20.60
CA LEU B 357 5.98 29.57 -21.44
C LEU B 357 5.16 29.50 -22.75
N SER C 28 32.36 27.07 18.72
CA SER C 28 31.45 28.27 18.79
C SER C 28 30.01 27.89 18.39
N LEU C 29 29.76 27.64 17.09
CA LEU C 29 28.62 26.76 16.70
C LEU C 29 28.84 25.38 17.32
N LEU C 30 30.07 24.86 17.27
CA LEU C 30 30.37 23.54 17.87
C LEU C 30 29.98 23.59 19.36
N VAL C 31 30.29 24.68 20.07
CA VAL C 31 29.87 24.84 21.50
C VAL C 31 28.33 24.80 21.57
N ASP C 32 27.63 25.51 20.68
CA ASP C 32 26.15 25.54 20.72
C ASP C 32 25.59 24.15 20.43
N VAL C 33 26.21 23.41 19.50
CA VAL C 33 25.72 22.05 19.11
C VAL C 33 25.95 21.11 20.29
N LEU C 34 27.14 21.13 20.88
CA LEU C 34 27.42 20.23 22.03
C LEU C 34 26.41 20.54 23.15
N GLU C 35 26.04 21.80 23.35
CA GLU C 35 25.11 22.23 24.43
C GLU C 35 23.71 21.69 24.13
N LEU C 36 23.32 21.72 22.86
CA LEU C 36 22.02 21.25 22.38
C LEU C 36 21.92 19.73 22.57
N LEU C 37 23.02 19.00 22.35
CA LEU C 37 23.00 17.52 22.32
C LEU C 37 23.06 16.91 23.73
N ARG C 38 23.77 17.49 24.70
CA ARG C 38 24.02 16.79 25.98
C ARG C 38 22.73 16.30 26.64
N PRO C 39 21.66 17.10 26.70
CA PRO C 39 20.42 16.71 27.37
C PRO C 39 19.63 15.65 26.59
N LEU C 40 20.01 15.36 25.34
CA LEU C 40 19.34 14.29 24.53
C LEU C 40 19.99 12.93 24.74
N LEU C 41 21.16 12.86 25.37
CA LEU C 41 21.93 11.60 25.39
C LEU C 41 21.32 10.61 26.37
N PRO C 42 21.72 9.33 26.29
CA PRO C 42 21.18 8.29 27.16
C PRO C 42 21.44 8.48 28.64
N SER C 43 22.56 9.16 28.95
CA SER C 43 23.01 9.33 30.34
C SER C 43 23.57 10.72 30.55
N ALA C 44 23.51 11.19 31.80
CA ALA C 44 24.17 12.46 32.21
C ALA C 44 25.67 12.33 31.98
N ASP C 45 26.22 11.13 32.00
CA ASP C 45 27.69 10.96 31.85
C ASP C 45 28.08 10.44 30.46
N THR C 46 27.16 10.43 29.49
CA THR C 46 27.51 9.99 28.12
C THR C 46 28.64 10.88 27.59
N GLU C 47 29.76 10.29 27.20
CA GLU C 47 30.89 11.07 26.63
C GLU C 47 30.44 11.70 25.31
N LEU C 48 30.62 12.99 25.15
CA LEU C 48 30.30 13.70 23.90
C LEU C 48 31.47 14.60 23.50
N THR C 49 32.16 14.22 22.44
CA THR C 49 33.24 15.05 21.83
C THR C 49 32.77 15.49 20.44
N PRO C 50 33.51 16.38 19.78
CA PRO C 50 33.13 16.78 18.42
C PRO C 50 33.07 15.62 17.43
N ASP C 51 33.70 14.47 17.67
CA ASP C 51 33.76 13.33 16.71
C ASP C 51 32.89 12.17 17.19
N THR C 52 32.17 12.33 18.30
CA THR C 52 31.29 11.24 18.80
C THR C 52 30.20 10.94 17.75
N GLU C 53 30.06 9.66 17.40
CA GLU C 53 29.02 9.15 16.46
C GLU C 53 27.70 9.08 17.20
N LEU C 54 26.69 9.72 16.61
CA LEU C 54 25.40 10.00 17.27
C LEU C 54 24.31 9.04 16.78
N PHE C 55 24.22 8.81 15.48
CA PHE C 55 23.11 8.01 14.87
C PHE C 55 23.60 6.62 14.44
N SER C 56 24.78 6.51 13.82
CA SER C 56 25.26 5.18 13.38
C SER C 56 25.48 4.29 14.60
N SER C 57 25.69 4.89 15.77
CA SER C 57 25.92 4.24 17.09
C SER C 57 24.61 3.97 17.85
N GLN C 58 23.46 4.42 17.33
CA GLN C 58 22.13 4.41 18.01
C GLN C 58 22.19 5.11 19.37
N LEU C 59 23.14 6.01 19.59
CA LEU C 59 23.17 6.87 20.79
C LEU C 59 21.91 7.75 20.82
N LEU C 60 21.56 8.33 19.68
CA LEU C 60 20.35 9.15 19.47
C LEU C 60 19.43 8.44 18.47
N ASP C 61 18.14 8.70 18.56
CA ASP C 61 17.14 8.10 17.61
C ASP C 61 16.42 9.26 16.92
N SER C 62 15.35 9.03 16.15
CA SER C 62 14.86 10.14 15.28
C SER C 62 14.04 11.15 16.09
N LEU C 63 13.62 10.85 17.33
CA LEU C 63 12.99 11.89 18.19
C LEU C 63 14.07 12.89 18.61
N ALA C 64 15.32 12.44 18.81
CA ALA C 64 16.43 13.39 19.04
C ALA C 64 16.76 14.18 17.76
N LEU C 65 16.75 13.52 16.61
CA LEU C 65 16.95 14.22 15.31
C LEU C 65 15.91 15.33 15.17
N GLU C 66 14.65 15.05 15.52
CA GLU C 66 13.58 16.07 15.45
C GLU C 66 13.97 17.26 16.33
N GLU C 67 14.48 17.01 17.54
CA GLU C 67 14.86 18.15 18.43
C GLU C 67 15.96 18.96 17.75
N ILE C 68 16.90 18.29 17.10
CA ILE C 68 18.02 19.00 16.44
C ILE C 68 17.47 19.80 15.26
N GLN C 69 16.64 19.18 14.40
CA GLN C 69 16.03 19.91 13.27
C GLN C 69 15.29 21.16 13.76
N ALA C 70 14.50 21.02 14.83
CA ALA C 70 13.64 22.10 15.36
C ALA C 70 14.52 23.19 15.98
N ALA C 71 15.64 22.83 16.62
CA ALA C 71 16.60 23.84 17.16
C ALA C 71 17.20 24.66 16.03
N ILE C 72 17.58 23.99 14.92
CA ILE C 72 18.22 24.67 13.77
C ILE C 72 17.21 25.60 13.10
N GLU C 73 15.98 25.11 12.92
CA GLU C 73 14.83 25.83 12.31
C GLU C 73 14.60 27.14 13.07
N SER C 74 14.68 27.13 14.39
CA SER C 74 14.32 28.31 15.21
C SER C 74 15.54 29.21 15.42
N ARG C 75 16.77 28.70 15.36
CA ARG C 75 17.98 29.48 15.76
C ARG C 75 18.80 29.89 14.54
N TRP C 76 18.93 29.04 13.52
CA TRP C 76 19.81 29.31 12.36
C TRP C 76 19.00 29.28 11.07
N VAL C 77 19.40 28.52 10.05
CA VAL C 77 18.65 28.51 8.76
C VAL C 77 17.95 27.16 8.62
N PRO C 78 16.61 27.15 8.40
CA PRO C 78 15.87 25.88 8.31
C PRO C 78 16.46 24.98 7.21
N LEU C 79 16.51 23.67 7.44
CA LEU C 79 17.21 22.75 6.53
C LEU C 79 16.14 22.03 5.69
N PRO C 80 16.39 21.95 4.38
CA PRO C 80 15.53 21.14 3.52
C PRO C 80 15.96 19.68 3.57
N PRO C 81 15.17 18.76 2.97
CA PRO C 81 15.52 17.35 2.99
C PRO C 81 16.92 17.01 2.47
N GLU C 82 17.46 17.74 1.50
CA GLU C 82 18.76 17.38 0.90
C GLU C 82 19.89 17.49 1.96
N GLU C 83 19.64 18.24 3.05
CA GLU C 83 20.69 18.44 4.09
C GLU C 83 20.57 17.33 5.14
N LEU C 84 19.46 16.56 5.14
CA LEU C 84 19.26 15.52 6.18
C LEU C 84 19.97 14.24 5.78
N THR C 85 21.28 14.21 6.01
CA THR C 85 22.11 13.03 5.70
C THR C 85 22.87 12.60 6.94
N LEU C 86 23.18 11.30 7.04
CA LEU C 86 24.01 10.76 8.15
C LEU C 86 25.37 11.47 8.11
N ALA C 87 25.90 11.81 6.93
CA ALA C 87 27.20 12.49 6.82
C ALA C 87 27.10 13.86 7.51
N ASN C 88 25.96 14.52 7.40
CA ASN C 88 25.76 15.88 7.97
C ASN C 88 25.42 15.83 9.48
N PHE C 89 24.85 14.73 9.98
CA PHE C 89 24.24 14.68 11.34
C PHE C 89 24.93 13.68 12.25
N ASN C 90 25.91 12.90 11.80
CA ASN C 90 26.39 11.77 12.63
C ASN C 90 27.34 12.22 13.76
N THR C 91 27.86 13.43 13.72
CA THR C 91 28.77 13.92 14.79
C THR C 91 28.45 15.38 15.09
N PRO C 92 28.75 15.86 16.32
CA PRO C 92 28.56 17.28 16.61
C PRO C 92 29.35 18.17 15.64
N ALA C 93 30.58 17.77 15.26
CA ALA C 93 31.40 18.54 14.29
C ALA C 93 30.62 18.64 12.95
N ALA C 94 30.10 17.51 12.48
CA ALA C 94 29.32 17.49 11.20
C ALA C 94 28.09 18.39 11.30
N ILE C 95 27.34 18.35 12.41
CA ILE C 95 26.16 19.25 12.60
C ILE C 95 26.63 20.71 12.54
N ALA C 96 27.67 21.03 13.29
CA ALA C 96 28.17 22.42 13.34
C ALA C 96 28.55 22.88 11.91
N GLU C 97 29.21 22.02 11.15
CA GLU C 97 29.62 22.29 9.74
C GLU C 97 28.37 22.51 8.88
N THR C 98 27.34 21.67 9.07
CA THR C 98 26.04 21.81 8.34
C THR C 98 25.44 23.19 8.60
N ILE C 99 25.34 23.62 9.87
CA ILE C 99 24.71 24.93 10.19
C ILE C 99 25.56 26.05 9.55
N ALA C 100 26.88 25.93 9.65
CA ALA C 100 27.83 26.95 9.16
C ALA C 100 27.67 27.10 7.64
N ARG C 101 27.69 25.96 6.95
CA ARG C 101 27.63 25.92 5.47
C ARG C 101 26.29 26.52 5.06
N THR C 102 25.20 26.20 5.75
CA THR C 102 23.84 26.57 5.31
C THR C 102 23.46 27.97 5.79
N SER C 103 24.22 28.55 6.72
CA SER C 103 23.95 29.92 7.21
C SER C 103 24.87 30.88 6.45
N THR C 104 25.41 30.45 5.30
CA THR C 104 26.39 31.18 4.48
C THR C 104 27.59 31.60 5.33
C1 MLI D . 5.41 -13.70 20.03
C2 MLI D . 4.31 -12.84 19.41
C3 MLI D . 5.09 -14.12 21.47
O6 MLI D . 3.50 -13.38 18.73
O7 MLI D . 4.32 -11.62 19.59
O8 MLI D . 5.80 -14.98 22.01
O9 MLI D . 4.12 -13.60 22.03
H11 MLI D . 6.25 -13.20 20.03
H12 MLI D . 5.54 -14.50 19.49
C1 MLI E . 1.83 9.82 20.75
C2 MLI E . 2.55 8.91 19.76
C3 MLI E . 2.80 10.25 21.85
O6 MLI E . 3.09 9.43 18.78
O7 MLI E . 2.66 7.69 20.00
O8 MLI E . 2.35 10.92 22.80
O9 MLI E . 4.01 9.93 21.74
H11 MLI E . 1.09 9.32 21.14
H12 MLI E . 1.49 10.60 20.27
P24 PNS F . 11.99 8.41 13.29
O25 PNS F . 10.87 7.85 14.13
O26 PNS F . 11.76 9.63 12.42
O27 PNS F . 12.68 7.19 12.51
#